data_4UPL
#
_entry.id   4UPL
#
_cell.length_a   101.330
_cell.length_b   105.120
_cell.length_c   110.440
_cell.angle_alpha   90.00
_cell.angle_beta   90.00
_cell.angle_gamma   90.00
#
_symmetry.space_group_name_H-M   'P 21 21 21'
#
loop_
_entity.id
_entity.type
_entity.pdbx_description
1 polymer 'SULFATASE FAMILY PROTEIN'
2 non-polymer 'ZINC ION'
3 water water
#
_entity_poly.entity_id   1
_entity_poly.type   'polypeptide(L)'
_entity_poly.pdbx_seq_one_letter_code
;MASWSHPQFEKGAETAVMNILFIMFDQLRWDYLSCYGHKTLNTPHIDRLAAKGVRFDRAYIQSPICGSSRMSTYTGRYVH
SHGASWNGIPLKVGEMTMGDHLRAAGMGCWLVGKTHMRADEEGMARLGLEPDSLIGARVAECGFDVFERDDGMLPEGPDG
YYDPDGAKEYNKFLRAKGYESDNPWHDFANSGLDDEGNVQSGWFLKNATRPANIAEEDSETPYLTSRAMEFIEQQTGPWC
CHLSYIKPHWPYIVPEPYASMFGPEHVQDVVRSDSERQNAHPLFKAFMDTKVGEAFSRQEVRDAVIPAYMGLIKQADDQM
GRLFKWLEDTGRMQDTMIVLTSDHGDFLGDHWMGEKTFFHDASTRVPLIIYDPRPEADATRGSVCDALVESIDLAPTFVE
AAGGKPAMHILEGESLIPILHGARDHTLRDHVICEYDFSASPIAHLNDISVRQAVMFMVADKNWKLIHFEADPRPMLFDL
KNDPQELVDLGGDPAHADVIAGMYDKLFRWTRRQSQRTTRSEEQLIAMRTKSRKRGIVLGIYDENETPLELTVKYRDRKA
RPYKDYLKG
;
_entity_poly.pdbx_strand_id   A,C
#
# COMPACT_ATOMS: atom_id res chain seq x y z
N THR A 15 35.39 -3.10 -1.34
CA THR A 15 34.34 -3.99 -0.83
C THR A 15 33.34 -3.21 0.02
N ALA A 16 32.47 -3.94 0.72
CA ALA A 16 31.48 -3.34 1.60
C ALA A 16 32.09 -2.91 2.95
N VAL A 17 31.48 -1.93 3.63
CA VAL A 17 31.88 -1.66 5.02
C VAL A 17 31.45 -2.83 5.89
N MET A 18 32.22 -3.05 6.95
CA MET A 18 31.91 -4.10 7.91
C MET A 18 30.70 -3.71 8.76
N ASN A 19 30.67 -2.46 9.22
CA ASN A 19 29.64 -2.03 10.17
C ASN A 19 28.96 -0.71 9.80
N ILE A 20 27.72 -0.55 10.24
CA ILE A 20 27.01 0.72 10.08
C ILE A 20 26.50 1.19 11.44
N LEU A 21 26.96 2.38 11.86
CA LEU A 21 26.48 2.97 13.11
C LEU A 21 25.49 4.10 12.77
N PHE A 22 24.21 3.84 13.00
CA PHE A 22 23.12 4.67 12.53
C PHE A 22 22.61 5.46 13.72
N ILE A 23 23.15 6.66 13.90
CA ILE A 23 22.88 7.46 15.09
C ILE A 23 21.77 8.46 14.82
N MET A 24 20.79 8.51 15.72
CA MET A 24 19.69 9.44 15.58
C MET A 24 19.43 10.14 16.92
N PHE A 25 19.10 11.42 16.84
CA PHE A 25 18.63 12.18 18.01
C PHE A 25 17.18 12.58 17.77
N ASP A 26 16.37 12.55 18.81
CA ASP A 26 14.96 12.90 18.66
C ASP A 26 14.78 14.41 18.83
N GLN A 27 14.12 15.04 17.86
CA GLN A 27 13.69 16.43 17.97
C GLN A 27 14.86 17.42 17.82
N LEU A 28 15.93 16.97 17.16
CA LEU A 28 17.08 17.84 16.88
C LEU A 28 16.90 18.66 15.60
N ARG A 29 17.01 19.98 15.71
CA ARG A 29 16.89 20.90 14.58
C ARG A 29 18.13 20.91 13.68
N TRP A 30 17.94 21.15 12.40
CA TRP A 30 19.05 21.19 11.46
C TRP A 30 20.01 22.33 11.80
N ASP A 31 19.49 23.45 12.31
CA ASP A 31 20.33 24.63 12.52
C ASP A 31 20.90 24.76 13.94
N TYR A 32 20.83 23.69 14.74
CA TYR A 32 21.44 23.71 16.08
C TYR A 32 22.68 22.83 16.16
N LEU A 33 23.44 22.82 15.06
CA LEU A 33 24.79 22.29 15.03
C LEU A 33 25.64 23.41 14.46
N SER A 34 26.85 23.59 14.97
CA SER A 34 27.67 24.69 14.46
C SER A 34 28.10 24.46 12.99
N CYS A 35 28.23 23.22 12.54
CA CYS A 35 28.56 23.00 11.13
C CYS A 35 27.40 23.41 10.19
N TYR A 36 26.19 23.51 10.73
CA TYR A 36 25.06 24.03 9.95
C TYR A 36 24.81 25.52 10.21
N GLY A 37 25.65 26.12 11.05
CA GLY A 37 25.67 27.56 11.15
C GLY A 37 25.31 28.18 12.47
N HIS A 38 25.07 27.37 13.49
CA HIS A 38 24.65 27.98 14.76
C HIS A 38 25.78 28.83 15.34
N LYS A 39 25.43 30.01 15.83
CA LYS A 39 26.42 31.03 16.18
C LYS A 39 26.93 30.95 17.63
N THR A 40 26.19 30.27 18.51
CA THR A 40 26.60 30.20 19.91
C THR A 40 26.72 28.78 20.46
N LEU A 41 26.13 27.82 19.76
CA LEU A 41 26.19 26.43 20.19
C LEU A 41 27.27 25.72 19.39
N ASN A 42 28.40 25.46 20.03
CA ASN A 42 29.56 24.88 19.38
C ASN A 42 29.52 23.37 19.50
N THR A 43 29.48 22.66 18.37
CA THR A 43 29.42 21.20 18.39
C THR A 43 30.62 20.60 17.64
N PRO A 44 31.84 20.73 18.20
CA PRO A 44 33.06 20.40 17.48
C PRO A 44 33.21 18.93 17.12
N HIS A 45 32.73 18.01 17.94
CA HIS A 45 32.92 16.59 17.66
C HIS A 45 32.04 16.16 16.47
N ILE A 46 30.81 16.65 16.46
CA ILE A 46 29.93 16.37 15.33
C ILE A 46 30.44 17.11 14.09
N ASP A 47 30.94 18.33 14.26
CA ASP A 47 31.53 19.08 13.16
C ASP A 47 32.74 18.34 12.55
N ARG A 48 33.53 17.72 13.41
CA ARG A 48 34.70 16.97 12.96
C ARG A 48 34.29 15.76 12.12
N LEU A 49 33.18 15.13 12.47
CA LEU A 49 32.69 14.00 11.67
C LEU A 49 32.24 14.49 10.31
N ALA A 50 31.57 15.63 10.29
CA ALA A 50 31.17 16.27 9.05
C ALA A 50 32.38 16.55 8.15
N ALA A 51 33.45 17.02 8.76
CA ALA A 51 34.69 17.33 8.04
C ALA A 51 35.34 16.08 7.43
N LYS A 52 35.07 14.93 8.04
CA LYS A 52 35.57 13.64 7.58
C LYS A 52 34.64 12.96 6.56
N GLY A 53 33.47 13.55 6.29
CA GLY A 53 32.47 12.89 5.48
C GLY A 53 31.66 13.84 4.61
N VAL A 54 30.38 13.52 4.39
CA VAL A 54 29.52 14.44 3.64
C VAL A 54 28.40 14.98 4.53
N ARG A 55 28.16 16.29 4.45
CA ARG A 55 27.08 16.96 5.18
C ARG A 55 25.97 17.31 4.20
N PHE A 56 24.76 16.82 4.48
CA PHE A 56 23.64 17.01 3.55
C PHE A 56 22.83 18.22 4.01
N ASP A 57 22.75 19.22 3.13
CA ASP A 57 22.20 20.52 3.48
C ASP A 57 20.71 20.62 3.16
N ARG A 58 20.16 19.58 2.54
CA ARG A 58 18.78 19.66 2.09
C ARG A 58 18.11 18.32 2.30
N ALA A 59 18.17 17.81 3.53
CA ALA A 59 17.58 16.51 3.88
C ALA A 59 16.24 16.70 4.60
N TYR A 60 15.20 15.99 4.14
CA TYR A 60 13.86 16.14 4.69
C TYR A 60 13.28 14.82 5.20
N ILE A 61 12.57 14.85 6.33
CA ILE A 61 11.90 13.65 6.82
C ILE A 61 10.49 13.56 6.19
N GLN A 62 9.83 12.42 6.37
CA GLN A 62 8.63 12.14 5.58
C GLN A 62 7.30 12.32 6.35
N SER A 63 7.41 12.68 7.63
CA SER A 63 6.25 13.05 8.45
C SER A 63 6.75 13.78 9.69
N PRO A 64 6.13 14.93 10.03
CA PRO A 64 6.69 15.76 11.13
C PRO A 64 6.26 15.34 12.54
N ILE A 65 6.31 14.04 12.82
CA ILE A 65 6.07 13.55 14.18
C ILE A 65 6.82 12.24 14.36
N CYS A 66 7.23 11.95 15.59
CA CYS A 66 8.12 10.82 15.90
C CYS A 66 7.77 9.52 15.19
N GLY A 67 6.57 9.02 15.46
CA GLY A 67 6.21 7.67 15.08
C GLY A 67 6.25 7.44 13.58
N SER A 68 5.53 8.29 12.84
CA SER A 68 5.45 8.10 11.40
C SER A 68 6.74 8.49 10.68
N SER A 69 7.48 9.47 11.22
CA SER A 69 8.80 9.78 10.64
C SER A 69 9.69 8.56 10.75
N ARG A 70 9.71 7.95 11.93
CA ARG A 70 10.57 6.80 12.15
C ARG A 70 10.13 5.58 11.32
N MET A 71 8.84 5.32 11.26
CA MET A 71 8.37 4.18 10.48
C MET A 71 8.75 4.34 9.01
N SER A 72 8.72 5.58 8.50
CA SER A 72 9.17 5.85 7.13
C SER A 72 10.65 5.52 6.95
N THR A 73 11.47 5.96 7.90
CA THR A 73 12.90 5.73 7.80
C THR A 73 13.23 4.25 7.91
N TYR A 74 12.53 3.55 8.80
CA TYR A 74 12.82 2.14 9.01
C TYR A 74 12.26 1.22 7.91
N THR A 75 11.27 1.69 7.14
CA THR A 75 10.78 0.91 5.99
C THR A 75 11.37 1.36 4.66
N GLY A 76 11.98 2.54 4.64
CA GLY A 76 12.40 3.16 3.40
C GLY A 76 11.22 3.55 2.51
N ARG A 77 10.07 3.78 3.12
CA ARG A 77 8.83 3.99 2.34
C ARG A 77 8.03 5.17 2.87
N TYR A 78 7.25 5.81 2.00
CA TYR A 78 6.41 6.95 2.41
C TYR A 78 5.26 6.51 3.31
N VAL A 79 4.79 7.42 4.18
CA VAL A 79 3.65 7.12 5.03
C VAL A 79 2.44 6.65 4.21
N HIS A 80 2.23 7.28 3.06
CA HIS A 80 1.15 6.88 2.14
C HIS A 80 1.28 5.42 1.71
N SER A 81 2.51 4.91 1.70
CA SER A 81 2.78 3.53 1.34
C SER A 81 2.67 2.54 2.51
N HIS A 82 3.16 2.91 3.69
CA HIS A 82 3.23 1.93 4.78
C HIS A 82 2.07 2.02 5.78
N GLY A 83 1.36 3.14 5.82
CA GLY A 83 0.17 3.27 6.64
C GLY A 83 0.29 3.49 8.16
N ALA A 84 1.52 3.47 8.69
CA ALA A 84 1.73 3.75 10.11
C ALA A 84 1.85 5.27 10.26
N SER A 85 0.69 5.93 10.28
CA SER A 85 0.62 7.35 9.96
C SER A 85 0.64 8.34 11.14
N TRP A 86 0.67 7.84 12.37
CA TRP A 86 0.82 8.73 13.54
C TRP A 86 1.43 7.94 14.69
N ASN A 87 1.80 8.63 15.76
CA ASN A 87 2.23 7.99 17.00
C ASN A 87 1.24 6.94 17.44
N GLY A 88 1.72 5.75 17.77
CA GLY A 88 0.84 4.69 18.24
C GLY A 88 0.04 3.91 17.21
N ILE A 89 0.17 4.25 15.93
CA ILE A 89 -0.48 3.48 14.88
C ILE A 89 0.48 2.39 14.43
N PRO A 90 0.12 1.11 14.65
CA PRO A 90 0.99 -0.03 14.34
C PRO A 90 1.42 -0.12 12.89
N LEU A 91 2.67 -0.53 12.68
CA LEU A 91 3.15 -0.85 11.35
C LEU A 91 2.66 -2.25 11.00
N LYS A 92 1.92 -2.38 9.91
CA LYS A 92 1.28 -3.65 9.59
C LYS A 92 2.30 -4.78 9.34
N VAL A 93 1.90 -6.00 9.67
CA VAL A 93 2.73 -7.16 9.38
C VAL A 93 2.90 -7.25 7.87
N GLY A 94 4.03 -7.71 7.39
CA GLY A 94 4.18 -7.78 5.95
C GLY A 94 4.91 -6.59 5.35
N GLU A 95 4.82 -5.41 5.99
CA GLU A 95 5.72 -4.33 5.58
C GLU A 95 7.12 -4.69 6.05
N MET A 96 8.04 -4.80 5.09
CA MET A 96 9.44 -5.10 5.37
C MET A 96 10.16 -3.90 5.93
N THR A 97 11.18 -4.18 6.73
CA THR A 97 11.89 -3.13 7.40
C THR A 97 13.37 -3.20 7.07
N MET A 98 14.09 -2.17 7.49
CA MET A 98 15.53 -2.05 7.30
C MET A 98 16.25 -3.34 7.73
N GLY A 99 15.90 -3.88 8.89
CA GLY A 99 16.49 -5.12 9.37
C GLY A 99 16.37 -6.29 8.39
N ASP A 100 15.23 -6.39 7.73
CA ASP A 100 15.01 -7.47 6.77
C ASP A 100 15.96 -7.33 5.59
N HIS A 101 16.02 -6.13 5.05
CA HIS A 101 16.87 -5.86 3.88
C HIS A 101 18.34 -6.07 4.21
N LEU A 102 18.75 -5.62 5.40
CA LEU A 102 20.15 -5.76 5.81
C LEU A 102 20.53 -7.21 6.10
N ARG A 103 19.64 -7.97 6.72
CA ARG A 103 19.96 -9.37 6.97
C ARG A 103 20.04 -10.14 5.64
N ALA A 104 19.27 -9.72 4.64
CA ALA A 104 19.31 -10.35 3.32
C ALA A 104 20.66 -10.09 2.64
N ALA A 105 21.37 -9.08 3.13
CA ALA A 105 22.68 -8.72 2.62
C ALA A 105 23.78 -9.22 3.56
N GLY A 106 23.40 -10.03 4.53
CA GLY A 106 24.36 -10.64 5.43
C GLY A 106 24.80 -9.77 6.59
N MET A 107 24.05 -8.73 6.91
CA MET A 107 24.40 -7.86 8.04
C MET A 107 23.30 -7.87 9.10
N GLY A 108 23.68 -8.06 10.37
CA GLY A 108 22.70 -8.00 11.44
C GLY A 108 22.21 -6.57 11.60
N CYS A 109 21.08 -6.41 12.29
CA CYS A 109 20.51 -5.09 12.48
C CYS A 109 19.94 -5.00 13.88
N TRP A 110 20.53 -4.14 14.70
CA TRP A 110 20.31 -4.15 16.15
C TRP A 110 19.87 -2.78 16.66
N LEU A 111 19.02 -2.77 17.69
CA LEU A 111 18.54 -1.50 18.24
C LEU A 111 19.13 -1.18 19.62
N VAL A 112 19.61 0.04 19.80
CA VAL A 112 19.99 0.56 21.11
C VAL A 112 19.30 1.91 21.29
N GLY A 113 18.11 1.91 21.90
CA GLY A 113 17.35 3.14 22.07
C GLY A 113 15.90 3.11 21.58
N LYS A 114 15.46 4.21 20.98
CA LYS A 114 14.05 4.45 20.63
C LYS A 114 13.64 4.05 19.22
N THR A 115 12.42 3.54 19.06
CA THR A 115 11.82 3.39 17.73
C THR A 115 10.39 3.92 17.63
N HIS A 116 9.71 3.96 18.77
CA HIS A 116 8.28 4.29 18.82
C HIS A 116 7.44 3.27 18.05
N MET A 117 8.00 2.08 17.86
CA MET A 117 7.27 0.99 17.21
C MET A 117 6.09 0.51 18.06
N ARG A 118 4.95 0.28 17.42
CA ARG A 118 3.83 -0.41 18.03
C ARG A 118 3.50 -1.65 17.22
N ALA A 119 3.58 -2.82 17.83
CA ALA A 119 3.37 -4.08 17.11
C ALA A 119 1.95 -4.19 16.57
N ASP A 120 1.84 -4.68 15.34
CA ASP A 120 0.55 -5.00 14.73
C ASP A 120 0.05 -6.30 15.35
N GLU A 121 -0.53 -6.21 16.54
CA GLU A 121 -0.89 -7.40 17.28
C GLU A 121 -1.99 -8.21 16.59
N GLU A 122 -2.95 -7.52 16.00
CA GLU A 122 -4.03 -8.20 15.25
C GLU A 122 -3.53 -8.93 14.01
N GLY A 123 -2.60 -8.29 13.28
CA GLY A 123 -2.02 -8.88 12.09
C GLY A 123 -1.16 -10.08 12.40
N MET A 124 -0.39 -9.99 13.48
CA MET A 124 0.43 -11.11 13.94
C MET A 124 -0.47 -12.30 14.32
N ALA A 125 -1.54 -12.02 15.06
CA ALA A 125 -2.52 -13.04 15.43
C ALA A 125 -3.12 -13.72 14.20
N ARG A 126 -3.48 -12.90 13.21
CA ARG A 126 -4.09 -13.38 11.98
C ARG A 126 -3.16 -14.33 11.22
N LEU A 127 -1.86 -14.08 11.28
CA LEU A 127 -0.88 -14.90 10.55
C LEU A 127 -0.21 -15.97 11.41
N GLY A 128 -0.64 -16.07 12.67
CA GLY A 128 -0.11 -17.09 13.57
C GLY A 128 1.30 -16.78 14.06
N LEU A 129 1.64 -15.50 14.07
CA LEU A 129 2.97 -15.07 14.48
C LEU A 129 3.06 -14.93 16.00
N GLU A 130 4.02 -15.63 16.59
CA GLU A 130 4.21 -15.59 18.04
C GLU A 130 5.30 -14.59 18.43
N PRO A 131 4.97 -13.71 19.38
CA PRO A 131 5.81 -12.62 19.90
C PRO A 131 7.17 -13.08 20.43
N ASP A 132 7.29 -14.37 20.75
CA ASP A 132 8.49 -14.89 21.39
C ASP A 132 9.37 -15.71 20.44
N SER A 133 8.89 -15.93 19.23
CA SER A 133 9.69 -16.58 18.19
C SER A 133 10.65 -15.55 17.60
N LEU A 134 11.71 -16.01 16.94
CA LEU A 134 12.69 -15.08 16.37
C LEU A 134 12.01 -14.15 15.36
N ILE A 135 11.24 -14.74 14.46
CA ILE A 135 10.52 -13.97 13.45
C ILE A 135 9.50 -13.02 14.07
N GLY A 136 8.71 -13.53 15.01
CA GLY A 136 7.68 -12.73 15.64
C GLY A 136 8.25 -11.57 16.43
N ALA A 137 9.35 -11.81 17.13
CA ALA A 137 9.95 -10.74 17.93
C ALA A 137 10.49 -9.64 17.03
N ARG A 138 11.02 -10.00 15.86
CA ARG A 138 11.54 -9.02 14.91
C ARG A 138 10.42 -8.20 14.30
N VAL A 139 9.33 -8.86 13.91
CA VAL A 139 8.17 -8.17 13.39
C VAL A 139 7.60 -7.18 14.41
N ALA A 140 7.56 -7.60 15.68
CA ALA A 140 7.07 -6.74 16.75
C ALA A 140 7.97 -5.52 16.99
N GLU A 141 9.24 -5.62 16.61
CA GLU A 141 10.19 -4.55 16.91
C GLU A 141 10.70 -3.85 15.65
N CYS A 142 9.86 -3.82 14.63
CA CYS A 142 10.18 -3.11 13.39
C CYS A 142 11.46 -3.62 12.72
N GLY A 143 11.68 -4.94 12.80
CA GLY A 143 12.80 -5.56 12.13
C GLY A 143 14.12 -5.60 12.88
N PHE A 144 14.21 -4.89 14.02
CA PHE A 144 15.45 -4.86 14.80
C PHE A 144 15.55 -6.03 15.76
N ASP A 145 16.74 -6.62 15.86
CA ASP A 145 17.07 -7.41 17.04
C ASP A 145 17.33 -6.38 18.13
N VAL A 146 16.93 -6.69 19.37
CA VAL A 146 16.96 -5.68 20.41
C VAL A 146 18.09 -5.89 21.40
N PHE A 147 19.03 -4.95 21.43
CA PHE A 147 20.03 -4.93 22.50
C PHE A 147 19.39 -4.22 23.72
N GLU A 148 18.78 -3.08 23.46
CA GLU A 148 17.98 -2.39 24.47
C GLU A 148 16.98 -1.47 23.79
N ARG A 149 15.69 -1.71 24.07
CA ARG A 149 14.57 -0.88 23.60
C ARG A 149 14.12 0.09 24.69
N ASP A 150 14.31 1.38 24.44
CA ASP A 150 13.87 2.42 25.37
C ASP A 150 13.43 3.62 24.56
N ASP A 151 12.13 3.88 24.51
CA ASP A 151 11.64 5.03 23.76
C ASP A 151 11.91 6.36 24.49
N GLY A 152 12.48 6.28 25.69
CA GLY A 152 13.11 7.45 26.31
C GLY A 152 12.34 8.29 27.31
N MET A 153 11.14 7.87 27.68
CA MET A 153 10.43 8.62 28.72
C MET A 153 9.42 7.78 29.48
N LEU A 154 9.16 8.19 30.73
CA LEU A 154 8.15 7.52 31.55
C LEU A 154 7.15 8.53 32.12
N PRO A 155 6.34 9.17 31.24
CA PRO A 155 5.27 10.02 31.75
C PRO A 155 4.20 9.19 32.45
N GLU A 156 3.47 9.80 33.38
CA GLU A 156 2.38 9.11 34.03
C GLU A 156 1.31 10.12 34.43
N GLY A 157 0.05 9.75 34.20
CA GLY A 157 -1.08 10.57 34.60
C GLY A 157 -2.11 9.73 35.34
N PRO A 158 -3.29 10.31 35.62
CA PRO A 158 -4.34 9.58 36.35
C PRO A 158 -4.89 8.37 35.59
N ASP A 159 -4.68 8.31 34.27
CA ASP A 159 -5.10 7.14 33.51
C ASP A 159 -3.96 6.15 33.26
N GLY A 160 -2.84 6.36 33.95
CA GLY A 160 -1.70 5.47 33.87
C GLY A 160 -0.52 6.03 33.08
N TYR A 161 0.37 5.14 32.66
CA TYR A 161 1.56 5.51 31.88
C TYR A 161 1.25 5.59 30.40
N TYR A 162 1.79 6.61 29.74
CA TYR A 162 1.77 6.69 28.28
C TYR A 162 2.44 5.44 27.69
N ASP A 163 3.60 5.11 28.25
CA ASP A 163 4.38 3.93 27.86
C ASP A 163 4.93 3.27 29.13
N PRO A 164 4.30 2.17 29.57
CA PRO A 164 4.66 1.48 30.82
C PRO A 164 6.09 0.96 30.86
N ASP A 165 6.67 0.68 29.69
CA ASP A 165 8.01 0.12 29.63
C ASP A 165 9.07 1.18 29.32
N GLY A 166 8.68 2.44 29.33
CA GLY A 166 9.63 3.52 29.16
C GLY A 166 10.67 3.46 30.27
N ALA A 167 11.93 3.68 29.92
CA ALA A 167 13.04 3.76 30.87
C ALA A 167 13.13 2.53 31.79
N LYS A 168 12.71 1.37 31.30
CA LYS A 168 12.64 0.16 32.12
C LYS A 168 14.02 -0.28 32.61
N GLU A 169 14.96 -0.50 31.68
CA GLU A 169 16.31 -0.88 32.08
C GLU A 169 17.07 0.29 32.70
N TYR A 170 16.80 1.49 32.21
CA TYR A 170 17.43 2.71 32.76
C TYR A 170 17.12 2.88 34.25
N ASN A 171 15.86 2.71 34.62
CA ASN A 171 15.48 2.79 36.03
C ASN A 171 16.21 1.75 36.88
N LYS A 172 16.35 0.53 36.35
CA LYS A 172 17.12 -0.52 37.03
C LYS A 172 18.57 -0.08 37.24
N PHE A 173 19.14 0.52 36.20
CA PHE A 173 20.51 1.04 36.24
C PHE A 173 20.68 2.08 37.35
N LEU A 174 19.80 3.06 37.39
CA LEU A 174 19.83 4.09 38.44
C LEU A 174 19.62 3.51 39.84
N ARG A 175 18.68 2.60 39.99
CA ARG A 175 18.43 2.02 41.31
C ARG A 175 19.63 1.21 41.79
N ALA A 176 20.31 0.55 40.86
CA ALA A 176 21.52 -0.19 41.15
C ALA A 176 22.64 0.71 41.71
N LYS A 177 22.66 1.97 41.29
CA LYS A 177 23.68 2.92 41.75
C LYS A 177 23.32 3.50 43.10
N GLY A 178 22.05 3.39 43.50
CA GLY A 178 21.63 3.89 44.79
C GLY A 178 20.49 4.89 44.74
N TYR A 179 20.16 5.39 43.55
CA TYR A 179 19.05 6.33 43.40
C TYR A 179 17.77 5.65 43.89
N GLU A 180 16.92 6.41 44.58
CA GLU A 180 15.70 5.85 45.16
C GLU A 180 14.49 6.69 44.83
N SER A 181 13.54 6.09 44.12
CA SER A 181 12.31 6.76 43.73
C SER A 181 11.37 5.76 43.08
N ASP A 182 10.06 6.01 43.10
CA ASP A 182 9.17 5.16 42.34
C ASP A 182 9.19 5.54 40.84
N ASN A 183 9.89 6.63 40.52
CA ASN A 183 10.18 6.98 39.11
C ASN A 183 11.52 7.75 39.03
N PRO A 184 12.65 7.01 39.09
CA PRO A 184 13.97 7.65 39.06
C PRO A 184 14.19 8.47 37.80
N TRP A 185 13.72 7.97 36.66
CA TRP A 185 13.79 8.71 35.38
C TRP A 185 13.22 10.12 35.55
N HIS A 186 12.06 10.22 36.18
CA HIS A 186 11.45 11.53 36.39
C HIS A 186 12.18 12.35 37.46
N ASP A 187 12.31 11.80 38.67
CA ASP A 187 12.81 12.59 39.82
C ASP A 187 14.26 13.04 39.71
N PHE A 188 15.09 12.24 39.05
CA PHE A 188 16.51 12.54 38.98
C PHE A 188 16.92 13.01 37.59
N ALA A 189 16.63 12.21 36.56
CA ALA A 189 17.08 12.58 35.22
C ALA A 189 16.32 13.77 34.64
N ASN A 190 15.04 13.91 35.03
CA ASN A 190 14.23 14.93 34.39
C ASN A 190 13.51 15.90 35.34
N SER A 191 14.11 16.12 36.50
CA SER A 191 13.61 17.08 37.49
C SER A 191 14.77 17.78 38.17
N GLY A 192 14.52 19.00 38.63
CA GLY A 192 15.46 19.71 39.47
C GLY A 192 15.08 19.50 40.93
N LEU A 193 15.79 20.18 41.84
CA LEU A 193 15.50 20.08 43.25
C LEU A 193 15.71 21.45 43.91
N ASP A 194 14.76 21.92 44.72
CA ASP A 194 14.98 23.21 45.39
C ASP A 194 15.76 23.00 46.67
N ASP A 195 15.88 24.07 47.46
CA ASP A 195 16.69 24.02 48.68
C ASP A 195 16.02 23.36 49.87
N GLU A 196 14.74 23.02 49.75
CA GLU A 196 14.06 22.29 50.82
C GLU A 196 13.68 20.88 50.38
N GLY A 197 14.35 20.38 49.34
CA GLY A 197 14.16 19.01 48.92
C GLY A 197 12.87 18.75 48.15
N ASN A 198 12.35 19.77 47.48
CA ASN A 198 11.16 19.62 46.67
C ASN A 198 11.52 19.33 45.21
N VAL A 199 11.03 18.22 44.69
CA VAL A 199 11.25 17.84 43.30
C VAL A 199 10.62 18.87 42.39
N GLN A 200 11.42 19.41 41.47
CA GLN A 200 10.95 20.39 40.49
C GLN A 200 10.83 19.73 39.12
N SER A 201 9.62 19.25 38.79
CA SER A 201 9.43 18.43 37.59
C SER A 201 9.78 19.14 36.29
N GLY A 202 10.56 18.46 35.45
CA GLY A 202 10.86 18.96 34.12
C GLY A 202 9.65 19.02 33.19
N TRP A 203 8.52 18.47 33.61
CA TRP A 203 7.30 18.60 32.81
C TRP A 203 6.76 20.03 32.84
N PHE A 204 7.17 20.83 33.82
CA PHE A 204 6.86 22.27 33.80
C PHE A 204 8.02 23.06 33.20
N LEU A 205 7.73 23.82 32.15
CA LEU A 205 8.77 24.43 31.34
C LEU A 205 9.59 25.46 32.13
N LYS A 206 8.99 26.02 33.18
CA LYS A 206 9.71 26.99 34.00
C LYS A 206 10.92 26.33 34.67
N ASN A 207 10.83 25.01 34.87
CA ASN A 207 11.91 24.29 35.50
C ASN A 207 13.02 23.87 34.53
N ALA A 208 12.92 24.31 33.28
CA ALA A 208 13.98 24.05 32.30
C ALA A 208 15.29 24.71 32.71
N THR A 209 15.18 25.78 33.49
CA THR A 209 16.34 26.55 33.95
C THR A 209 17.09 25.86 35.09
N ARG A 210 16.50 24.81 35.63
CA ARG A 210 17.12 24.11 36.75
C ARG A 210 18.02 22.99 36.26
N PRO A 211 19.14 22.80 36.96
CA PRO A 211 19.99 21.63 36.69
C PRO A 211 19.27 20.35 37.11
N ALA A 212 19.41 19.30 36.29
CA ALA A 212 18.81 18.02 36.64
C ALA A 212 19.48 17.44 37.89
N ASN A 213 18.66 16.91 38.79
CA ASN A 213 19.15 16.37 40.05
C ASN A 213 19.72 14.98 39.88
N ILE A 214 20.85 14.89 39.17
CA ILE A 214 21.44 13.59 38.85
C ILE A 214 22.91 13.80 38.53
N ALA A 215 23.76 12.80 38.81
CA ALA A 215 25.15 12.90 38.40
C ALA A 215 25.18 12.89 36.88
N GLU A 216 26.00 13.74 36.28
CA GLU A 216 25.97 13.91 34.83
C GLU A 216 26.23 12.59 34.11
N GLU A 217 27.15 11.78 34.64
CA GLU A 217 27.51 10.53 33.97
C GLU A 217 26.36 9.51 33.97
N ASP A 218 25.35 9.75 34.79
CA ASP A 218 24.23 8.82 34.96
C ASP A 218 22.99 9.25 34.19
N SER A 219 23.05 10.41 33.54
CA SER A 219 21.89 10.91 32.80
C SER A 219 21.75 10.12 31.48
N GLU A 220 20.72 10.44 30.70
CA GLU A 220 20.26 9.53 29.64
C GLU A 220 21.20 9.43 28.44
N THR A 221 21.74 10.54 27.99
CA THR A 221 22.59 10.50 26.81
C THR A 221 23.93 9.79 27.10
N PRO A 222 24.59 10.09 28.24
CA PRO A 222 25.79 9.29 28.49
C PRO A 222 25.49 7.80 28.74
N TYR A 223 24.40 7.50 29.45
CA TYR A 223 23.98 6.12 29.68
C TYR A 223 23.82 5.32 28.37
N LEU A 224 23.10 5.89 27.42
CA LEU A 224 22.87 5.18 26.15
C LEU A 224 24.16 5.05 25.33
N THR A 225 25.01 6.06 25.41
CA THR A 225 26.32 6.00 24.76
C THR A 225 27.15 4.85 25.34
N SER A 226 27.08 4.64 26.65
CA SER A 226 27.76 3.50 27.26
C SER A 226 27.19 2.15 26.79
N ARG A 227 25.86 2.06 26.68
CA ARG A 227 25.24 0.83 26.18
C ARG A 227 25.68 0.53 24.75
N ALA A 228 25.82 1.57 23.92
CA ALA A 228 26.25 1.38 22.54
C ALA A 228 27.64 0.78 22.47
N MET A 229 28.54 1.23 23.35
CA MET A 229 29.88 0.67 23.40
C MET A 229 29.84 -0.78 23.89
N GLU A 230 28.97 -1.05 24.86
CA GLU A 230 28.77 -2.43 25.33
C GLU A 230 28.30 -3.33 24.18
N PHE A 231 27.32 -2.87 23.41
CA PHE A 231 26.86 -3.62 22.24
C PHE A 231 28.00 -3.92 21.26
N ILE A 232 28.67 -2.87 20.81
CA ILE A 232 29.70 -2.99 19.79
C ILE A 232 30.85 -3.92 20.19
N GLU A 233 31.32 -3.82 21.43
CA GLU A 233 32.44 -4.67 21.86
C GLU A 233 32.04 -6.14 21.96
N GLN A 234 30.73 -6.42 21.97
CA GLN A 234 30.26 -7.79 22.08
C GLN A 234 30.12 -8.44 20.71
N GLN A 235 30.34 -7.68 19.65
CA GLN A 235 30.06 -8.17 18.30
C GLN A 235 31.27 -8.78 17.62
N THR A 236 31.01 -9.87 16.94
CA THR A 236 31.90 -10.40 15.91
C THR A 236 31.02 -10.62 14.69
N GLY A 237 31.44 -10.08 13.56
CA GLY A 237 30.59 -10.17 12.39
C GLY A 237 29.93 -8.84 12.10
N PRO A 238 29.45 -8.67 10.87
CA PRO A 238 28.94 -7.39 10.37
C PRO A 238 27.65 -6.99 11.08
N TRP A 239 27.58 -5.73 11.53
CA TRP A 239 26.40 -5.25 12.22
C TRP A 239 26.01 -3.84 11.77
N CYS A 240 24.72 -3.58 11.83
CA CYS A 240 24.18 -2.22 11.78
C CYS A 240 23.56 -1.98 13.15
N CYS A 241 23.96 -0.91 13.82
CA CYS A 241 23.43 -0.59 15.13
C CYS A 241 22.67 0.73 15.07
N HIS A 242 21.38 0.70 15.36
CA HIS A 242 20.59 1.92 15.45
C HIS A 242 20.70 2.45 16.86
N LEU A 243 21.56 3.45 17.03
CA LEU A 243 21.79 4.10 18.31
C LEU A 243 20.90 5.32 18.36
N SER A 244 19.83 5.23 19.14
CA SER A 244 18.70 6.14 18.97
C SER A 244 18.35 6.87 20.27
N TYR A 245 18.87 8.08 20.39
CA TYR A 245 18.78 8.92 21.59
C TYR A 245 17.45 9.64 21.69
N ILE A 246 16.93 9.82 22.90
CA ILE A 246 15.70 10.60 23.07
C ILE A 246 16.00 12.10 23.13
N LYS A 247 17.07 12.51 23.83
CA LYS A 247 17.40 13.93 23.86
C LYS A 247 17.81 14.41 22.46
N PRO A 248 17.53 15.68 22.13
CA PRO A 248 17.01 16.77 22.97
C PRO A 248 15.48 16.92 23.01
N HIS A 249 14.72 15.86 22.74
CA HIS A 249 13.28 15.79 22.97
C HIS A 249 13.01 16.05 24.45
N TRP A 250 11.83 16.57 24.76
CA TRP A 250 11.45 16.90 26.14
C TRP A 250 11.34 15.64 27.01
N PRO A 251 11.39 15.78 28.35
CA PRO A 251 11.50 17.01 29.16
C PRO A 251 12.78 17.80 28.88
N TYR A 252 12.63 19.11 28.75
CA TYR A 252 13.75 19.98 28.43
C TYR A 252 14.52 20.34 29.70
N ILE A 253 15.45 19.48 30.11
CA ILE A 253 16.22 19.70 31.33
C ILE A 253 17.46 18.82 31.30
N VAL A 254 18.57 19.32 31.86
CA VAL A 254 19.88 18.73 31.62
C VAL A 254 20.76 18.92 32.87
N PRO A 255 21.69 17.98 33.16
CA PRO A 255 22.54 18.21 34.33
C PRO A 255 23.60 19.27 34.09
N GLU A 256 24.27 19.68 35.17
CA GLU A 256 25.48 20.47 35.06
C GLU A 256 26.57 19.64 34.38
N PRO A 257 27.50 20.29 33.66
CA PRO A 257 27.67 21.73 33.51
C PRO A 257 26.85 22.33 32.39
N TYR A 258 26.13 21.51 31.63
CA TYR A 258 25.32 22.00 30.52
C TYR A 258 24.21 22.93 30.95
N ALA A 259 23.63 22.66 32.12
CA ALA A 259 22.51 23.46 32.63
C ALA A 259 22.86 24.93 32.79
N SER A 260 24.11 25.21 33.17
CA SER A 260 24.55 26.58 33.39
C SER A 260 25.27 27.23 32.20
N MET A 261 25.54 26.49 31.13
CA MET A 261 26.46 27.09 30.16
C MET A 261 25.78 28.02 29.14
N PHE A 262 24.44 27.97 29.03
CA PHE A 262 23.74 28.88 28.13
C PHE A 262 22.65 29.69 28.85
N GLY A 263 22.39 30.88 28.32
CA GLY A 263 21.30 31.71 28.83
C GLY A 263 20.60 32.37 27.66
N PRO A 264 19.61 33.22 27.95
CA PRO A 264 18.87 33.88 26.86
C PRO A 264 19.75 34.72 25.95
N GLU A 265 20.91 35.16 26.45
CA GLU A 265 21.82 35.94 25.63
C GLU A 265 22.44 35.12 24.51
N HIS A 266 22.26 33.81 24.57
CA HIS A 266 22.85 32.90 23.59
C HIS A 266 21.82 32.40 22.57
N VAL A 267 20.55 32.71 22.79
CA VAL A 267 19.45 32.17 21.96
C VAL A 267 19.30 32.95 20.66
N GLN A 268 19.30 32.24 19.52
CA GLN A 268 19.13 32.93 18.26
C GLN A 268 17.72 33.51 18.20
N ASP A 269 17.54 34.54 17.38
CA ASP A 269 16.25 35.22 17.30
C ASP A 269 15.15 34.25 16.87
N VAL A 270 13.96 34.42 17.43
CA VAL A 270 12.82 33.63 17.00
C VAL A 270 12.46 34.01 15.56
N VAL A 271 12.10 33.02 14.76
CA VAL A 271 11.75 33.26 13.36
C VAL A 271 10.24 33.29 13.20
N ARG A 272 9.69 34.49 13.09
CA ARG A 272 8.24 34.70 13.03
C ARG A 272 8.00 36.14 12.60
N SER A 273 6.77 36.45 12.19
CA SER A 273 6.40 37.84 11.91
C SER A 273 4.93 38.09 12.25
N ASP A 274 4.59 39.33 12.57
CA ASP A 274 3.21 39.67 12.89
C ASP A 274 2.30 39.42 11.69
N SER A 275 2.77 39.78 10.50
CA SER A 275 1.99 39.56 9.27
C SER A 275 1.71 38.08 9.02
N GLU A 276 2.69 37.24 9.33
CA GLU A 276 2.56 35.80 9.22
C GLU A 276 1.36 35.31 10.02
N ARG A 277 1.24 35.84 11.24
CA ARG A 277 0.15 35.49 12.13
C ARG A 277 -1.17 36.07 11.67
N GLN A 278 -1.15 37.37 11.35
CA GLN A 278 -2.34 38.08 10.90
C GLN A 278 -2.99 37.42 9.68
N ASN A 279 -2.18 36.96 8.75
CA ASN A 279 -2.68 36.42 7.49
C ASN A 279 -2.69 34.91 7.42
N ALA A 280 -2.60 34.26 8.56
CA ALA A 280 -2.45 32.80 8.57
C ALA A 280 -3.64 32.08 7.94
N HIS A 281 -3.32 31.10 7.10
CA HIS A 281 -4.28 30.10 6.64
C HIS A 281 -4.98 29.51 7.87
N PRO A 282 -6.30 29.26 7.76
CA PRO A 282 -7.07 28.82 8.94
C PRO A 282 -6.54 27.54 9.60
N LEU A 283 -6.02 26.61 8.82
CA LEU A 283 -5.44 25.40 9.40
C LEU A 283 -4.06 25.67 10.01
N PHE A 284 -3.28 26.54 9.39
CA PHE A 284 -2.03 27.05 9.98
C PHE A 284 -2.37 27.67 11.33
N LYS A 285 -3.35 28.58 11.34
CA LYS A 285 -3.76 29.28 12.56
C LYS A 285 -4.19 28.30 13.65
N ALA A 286 -4.83 27.21 13.27
CA ALA A 286 -5.28 26.20 14.24
C ALA A 286 -4.10 25.62 15.01
N PHE A 287 -2.98 25.41 14.32
CA PHE A 287 -1.80 24.88 14.99
C PHE A 287 -1.13 25.93 15.89
N MET A 288 -1.26 27.20 15.53
CA MET A 288 -0.79 28.29 16.39
C MET A 288 -1.62 28.38 17.65
N ASP A 289 -2.94 28.20 17.49
CA ASP A 289 -3.91 28.38 18.57
C ASP A 289 -4.01 27.19 19.51
N THR A 290 -2.87 26.63 19.87
CA THR A 290 -2.81 25.53 20.82
C THR A 290 -2.09 26.02 22.08
N LYS A 291 -2.17 25.26 23.17
CA LYS A 291 -1.44 25.65 24.38
C LYS A 291 0.07 25.72 24.12
N VAL A 292 0.62 24.77 23.38
CA VAL A 292 2.07 24.77 23.14
C VAL A 292 2.49 25.91 22.22
N GLY A 293 1.66 26.23 21.22
CA GLY A 293 1.96 27.35 20.35
C GLY A 293 1.97 28.65 21.13
N GLU A 294 0.91 28.86 21.92
CA GLU A 294 0.81 30.04 22.76
C GLU A 294 1.96 30.11 23.77
N ALA A 295 2.31 28.97 24.36
CA ALA A 295 3.41 28.93 25.32
C ALA A 295 4.74 29.35 24.70
N PHE A 296 5.11 28.76 23.55
CA PHE A 296 6.42 29.09 22.98
C PHE A 296 6.43 30.44 22.28
N SER A 297 5.26 31.07 22.19
CA SER A 297 5.21 32.45 21.72
C SER A 297 5.58 33.45 22.83
N ARG A 298 5.64 32.97 24.07
CA ARG A 298 6.04 33.81 25.21
C ARG A 298 7.55 33.85 25.44
N GLN A 299 8.09 35.06 25.63
CA GLN A 299 9.52 35.22 25.85
C GLN A 299 10.04 34.41 27.03
N GLU A 300 9.31 34.43 28.15
CA GLU A 300 9.77 33.74 29.35
C GLU A 300 9.89 32.24 29.12
N VAL A 301 9.05 31.70 28.25
CA VAL A 301 9.09 30.28 27.96
C VAL A 301 10.30 29.93 27.11
N ARG A 302 10.53 30.68 26.02
CA ARG A 302 11.69 30.44 25.18
C ARG A 302 12.98 30.66 25.97
N ASP A 303 12.98 31.71 26.80
CA ASP A 303 14.12 32.04 27.66
C ASP A 303 14.51 30.89 28.58
N ALA A 304 13.52 30.11 29.04
CA ALA A 304 13.80 28.98 29.91
C ALA A 304 14.18 27.73 29.12
N VAL A 305 13.40 27.44 28.08
CA VAL A 305 13.52 26.17 27.37
C VAL A 305 14.73 26.12 26.43
N ILE A 306 14.94 27.15 25.64
CA ILE A 306 15.94 27.02 24.59
C ILE A 306 17.38 26.87 25.13
N PRO A 307 17.74 27.57 26.24
CA PRO A 307 19.07 27.25 26.76
C PRO A 307 19.24 25.79 27.20
N ALA A 308 18.18 25.17 27.72
CA ALA A 308 18.26 23.78 28.15
C ALA A 308 18.37 22.86 26.94
N TYR A 309 17.59 23.17 25.92
CA TYR A 309 17.63 22.48 24.64
C TYR A 309 19.06 22.50 24.07
N MET A 310 19.68 23.68 24.06
N MET A 310 19.67 23.68 24.07
CA MET A 310 21.07 23.80 23.64
CA MET A 310 21.05 23.85 23.64
C MET A 310 22.00 22.96 24.51
C MET A 310 22.02 23.03 24.51
N GLY A 311 21.76 23.01 25.82
CA GLY A 311 22.58 22.25 26.75
C GLY A 311 22.52 20.76 26.46
N LEU A 312 21.34 20.27 26.10
CA LEU A 312 21.16 18.85 25.78
C LEU A 312 21.98 18.46 24.56
N ILE A 313 21.96 19.32 23.55
CA ILE A 313 22.73 19.11 22.33
C ILE A 313 24.25 19.16 22.59
N LYS A 314 24.68 20.09 23.43
CA LYS A 314 26.09 20.19 23.77
C LYS A 314 26.55 18.91 24.47
N GLN A 315 25.71 18.39 25.36
CA GLN A 315 26.01 17.12 26.02
C GLN A 315 26.11 15.98 24.99
N ALA A 316 25.20 15.98 24.01
CA ALA A 316 25.24 14.97 22.94
C ALA A 316 26.53 15.06 22.16
N ASP A 317 26.98 16.27 21.87
CA ASP A 317 28.25 16.45 21.19
C ASP A 317 29.42 15.90 22.01
N ASP A 318 29.44 16.17 23.31
CA ASP A 318 30.51 15.64 24.17
C ASP A 318 30.48 14.11 24.16
N GLN A 319 29.28 13.52 24.17
CA GLN A 319 29.18 12.07 24.13
C GLN A 319 29.56 11.49 22.75
N MET A 320 29.31 12.22 21.67
CA MET A 320 29.81 11.78 20.36
C MET A 320 31.35 11.79 20.36
N GLY A 321 31.93 12.84 20.92
CA GLY A 321 33.38 12.89 21.07
C GLY A 321 33.93 11.67 21.78
N ARG A 322 33.26 11.29 22.87
CA ARG A 322 33.64 10.12 23.65
C ARG A 322 33.52 8.84 22.82
N LEU A 323 32.41 8.72 22.09
CA LEU A 323 32.13 7.56 21.26
C LEU A 323 33.12 7.42 20.11
N PHE A 324 33.34 8.53 19.40
CA PHE A 324 34.23 8.51 18.24
C PHE A 324 35.70 8.29 18.65
N LYS A 325 36.09 8.85 19.79
CA LYS A 325 37.44 8.59 20.33
C LYS A 325 37.63 7.11 20.64
N TRP A 326 36.61 6.49 21.24
CA TRP A 326 36.65 5.06 21.54
C TRP A 326 36.72 4.22 20.25
N LEU A 327 35.94 4.59 19.23
CA LEU A 327 36.00 3.87 17.95
C LEU A 327 37.41 3.95 17.34
N GLU A 328 38.01 5.14 17.37
CA GLU A 328 39.38 5.33 16.86
C GLU A 328 40.37 4.49 17.65
N ASP A 329 40.28 4.57 18.97
CA ASP A 329 41.26 3.94 19.85
C ASP A 329 41.23 2.42 19.75
N THR A 330 40.07 1.86 19.44
CA THR A 330 39.94 0.41 19.33
C THR A 330 40.01 -0.08 17.89
N GLY A 331 40.33 0.83 16.97
CA GLY A 331 40.57 0.48 15.58
C GLY A 331 39.33 0.19 14.77
N ARG A 332 38.19 0.71 15.22
CA ARG A 332 36.92 0.45 14.56
C ARG A 332 36.54 1.54 13.57
N MET A 333 37.16 2.71 13.71
CA MET A 333 36.87 3.83 12.83
C MET A 333 37.11 3.49 11.35
N GLN A 334 38.05 2.59 11.09
CA GLN A 334 38.37 2.22 9.71
C GLN A 334 37.33 1.28 9.11
N ASP A 335 36.52 0.65 9.97
CA ASP A 335 35.56 -0.37 9.57
C ASP A 335 34.10 0.06 9.70
N THR A 336 33.87 1.30 10.08
CA THR A 336 32.53 1.70 10.50
C THR A 336 32.02 2.92 9.76
N MET A 337 30.95 2.74 9.00
CA MET A 337 30.21 3.86 8.43
C MET A 337 29.41 4.48 9.56
N ILE A 338 29.44 5.81 9.67
CA ILE A 338 28.67 6.48 10.70
C ILE A 338 27.70 7.46 10.08
N VAL A 339 26.44 7.34 10.50
CA VAL A 339 25.39 8.23 10.05
C VAL A 339 24.87 8.98 11.27
N LEU A 340 24.68 10.28 11.16
CA LEU A 340 24.11 11.04 12.28
C LEU A 340 22.95 11.89 11.73
N THR A 341 21.77 11.74 12.32
CA THR A 341 20.61 12.45 11.80
C THR A 341 19.56 12.65 12.91
N SER A 342 18.38 13.09 12.53
CA SER A 342 17.28 13.43 13.44
C SER A 342 15.95 12.93 12.89
N ASP A 343 14.94 12.72 13.73
CA ASP A 343 13.65 12.29 13.17
C ASP A 343 12.73 13.45 12.78
N HIS A 344 13.09 14.66 13.24
CA HIS A 344 12.41 15.93 12.94
C HIS A 344 12.98 17.01 13.86
N GLY A 345 12.67 18.28 13.58
CA GLY A 345 13.11 19.38 14.44
C GLY A 345 12.11 19.77 15.51
N ASP A 346 12.08 21.06 15.83
CA ASP A 346 11.31 21.62 16.93
C ASP A 346 11.11 23.10 16.59
N PHE A 347 9.88 23.58 16.62
CA PHE A 347 9.67 24.98 16.23
C PHE A 347 10.23 25.98 17.29
N LEU A 348 10.15 25.60 18.56
CA LEU A 348 10.64 26.44 19.69
C LEU A 348 10.11 27.86 19.60
N GLY A 349 8.88 28.01 19.11
CA GLY A 349 8.29 29.34 18.92
C GLY A 349 8.39 29.93 17.52
N ASP A 350 9.27 29.42 16.67
CA ASP A 350 9.28 29.88 15.28
C ASP A 350 7.89 29.67 14.69
N HIS A 351 7.45 30.62 13.86
CA HIS A 351 6.17 30.53 13.13
C HIS A 351 4.97 30.43 14.06
N TRP A 352 5.14 30.98 15.27
CA TRP A 352 4.10 31.05 16.30
C TRP A 352 3.64 29.67 16.77
N MET A 353 4.53 28.68 16.63
CA MET A 353 4.20 27.31 16.98
C MET A 353 5.19 26.70 17.96
N GLY A 354 4.72 25.70 18.68
CA GLY A 354 5.58 24.87 19.50
C GLY A 354 5.56 23.47 18.91
N GLU A 355 6.28 22.56 19.55
CA GLU A 355 6.38 21.18 19.04
C GLU A 355 6.90 21.16 17.59
N LYS A 356 6.33 20.30 16.75
CA LYS A 356 6.96 20.07 15.45
C LYS A 356 6.00 19.72 14.31
N THR A 357 4.69 19.70 14.56
CA THR A 357 3.81 19.10 13.56
C THR A 357 3.29 20.09 12.52
N PHE A 358 4.20 20.65 11.73
CA PHE A 358 3.84 21.43 10.54
C PHE A 358 5.03 21.35 9.60
N PHE A 359 4.94 21.95 8.41
CA PHE A 359 5.90 21.61 7.37
C PHE A 359 7.07 22.57 7.15
N HIS A 360 7.15 23.66 7.92
CA HIS A 360 8.30 24.55 7.77
C HIS A 360 9.61 23.80 7.98
N ASP A 361 10.68 24.27 7.36
CA ASP A 361 12.00 23.66 7.48
C ASP A 361 12.45 23.47 8.94
N ALA A 362 12.01 24.34 9.85
CA ALA A 362 12.46 24.22 11.25
C ALA A 362 12.06 22.87 11.83
N SER A 363 11.01 22.26 11.25
CA SER A 363 10.66 20.90 11.65
C SER A 363 11.10 19.85 10.62
N THR A 364 10.84 20.09 9.33
CA THR A 364 10.95 19.01 8.35
C THR A 364 12.35 18.80 7.76
N ARG A 365 13.18 19.84 7.80
CA ARG A 365 14.55 19.70 7.32
C ARG A 365 15.42 19.27 8.48
N VAL A 366 16.22 18.22 8.30
CA VAL A 366 16.96 17.62 9.41
C VAL A 366 18.46 17.63 9.13
N PRO A 367 19.28 17.64 10.19
CA PRO A 367 20.70 17.45 9.96
C PRO A 367 20.94 16.02 9.47
N LEU A 368 21.92 15.86 8.57
CA LEU A 368 22.26 14.52 8.11
C LEU A 368 23.72 14.51 7.70
N ILE A 369 24.52 13.71 8.40
CA ILE A 369 25.95 13.62 8.14
C ILE A 369 26.33 12.17 7.94
N ILE A 370 27.04 11.86 6.84
CA ILE A 370 27.44 10.47 6.61
C ILE A 370 28.96 10.37 6.41
N TYR A 371 29.58 9.51 7.23
CA TYR A 371 31.00 9.22 7.14
C TYR A 371 31.19 7.80 6.60
N ASP A 372 31.79 7.69 5.42
CA ASP A 372 32.12 6.39 4.83
C ASP A 372 33.64 6.24 4.90
N PRO A 373 34.14 5.25 5.66
CA PRO A 373 35.57 5.11 5.88
C PRO A 373 36.35 4.54 4.70
N ARG A 374 35.65 4.07 3.67
CA ARG A 374 36.31 3.41 2.54
C ARG A 374 37.02 4.40 1.63
N PRO A 375 38.08 3.95 0.92
CA PRO A 375 38.86 4.81 0.02
C PRO A 375 38.02 5.49 -1.06
N GLU A 376 36.95 4.85 -1.50
CA GLU A 376 36.17 5.38 -2.61
C GLU A 376 35.40 6.63 -2.22
N ALA A 377 35.38 6.94 -0.92
CA ALA A 377 34.71 8.16 -0.46
C ALA A 377 35.72 9.21 -0.04
N ASP A 378 37.00 8.95 -0.28
CA ASP A 378 38.05 9.92 0.08
C ASP A 378 37.82 11.25 -0.62
N ALA A 379 37.40 11.16 -1.87
CA ALA A 379 37.29 12.33 -2.73
C ALA A 379 36.26 13.37 -2.26
N THR A 380 35.27 12.93 -1.48
CA THR A 380 34.18 13.82 -1.09
C THR A 380 34.23 14.28 0.37
N ARG A 381 35.24 13.87 1.12
CA ARG A 381 35.31 14.24 2.54
C ARG A 381 35.34 15.76 2.70
N GLY A 382 34.49 16.26 3.59
CA GLY A 382 34.41 17.68 3.88
C GLY A 382 33.51 18.46 2.96
N SER A 383 32.82 17.76 2.06
CA SER A 383 31.93 18.45 1.11
C SER A 383 30.53 18.60 1.68
N VAL A 384 29.77 19.50 1.07
CA VAL A 384 28.39 19.77 1.48
C VAL A 384 27.51 19.45 0.26
N CYS A 385 26.53 18.58 0.44
CA CYS A 385 25.64 18.24 -0.68
C CYS A 385 24.29 18.93 -0.52
N ASP A 386 23.96 19.79 -1.49
CA ASP A 386 22.76 20.59 -1.43
C ASP A 386 21.58 19.98 -2.22
N ALA A 387 21.74 18.73 -2.65
CA ALA A 387 20.67 18.05 -3.39
C ALA A 387 19.50 17.68 -2.49
N LEU A 388 18.33 17.52 -3.10
CA LEU A 388 17.13 17.10 -2.38
C LEU A 388 17.28 15.65 -1.88
N VAL A 389 17.28 15.50 -0.56
CA VAL A 389 17.51 14.21 0.06
C VAL A 389 16.34 13.90 1.01
N GLU A 390 15.99 12.62 1.14
CA GLU A 390 14.89 12.22 2.01
C GLU A 390 15.40 11.22 3.02
N SER A 391 14.80 11.21 4.20
CA SER A 391 15.16 10.25 5.22
C SER A 391 14.97 8.79 4.74
N ILE A 392 14.03 8.57 3.82
CA ILE A 392 13.87 7.22 3.28
C ILE A 392 15.04 6.79 2.37
N ASP A 393 16.01 7.68 2.16
CA ASP A 393 17.21 7.34 1.38
C ASP A 393 18.18 6.46 2.17
N LEU A 394 18.07 6.47 3.49
CA LEU A 394 19.05 5.76 4.31
C LEU A 394 19.01 4.24 4.10
N ALA A 395 17.81 3.65 4.06
CA ALA A 395 17.69 2.21 3.90
C ALA A 395 18.43 1.67 2.65
N PRO A 396 18.17 2.24 1.45
CA PRO A 396 18.93 1.67 0.33
C PRO A 396 20.42 2.01 0.39
N THR A 397 20.77 3.14 0.99
CA THR A 397 22.18 3.51 1.19
C THR A 397 22.86 2.43 2.03
N PHE A 398 22.18 1.98 3.08
CA PHE A 398 22.74 0.97 3.98
C PHE A 398 22.86 -0.39 3.31
N VAL A 399 21.83 -0.79 2.56
CA VAL A 399 21.88 -2.05 1.83
C VAL A 399 23.10 -2.06 0.89
N GLU A 400 23.28 -0.99 0.12
CA GLU A 400 24.39 -0.90 -0.83
C GLU A 400 25.73 -0.86 -0.10
N ALA A 401 25.79 -0.12 1.00
CA ALA A 401 27.01 -0.05 1.80
C ALA A 401 27.35 -1.44 2.34
N ALA A 402 26.32 -2.22 2.63
CA ALA A 402 26.51 -3.56 3.18
C ALA A 402 26.90 -4.56 2.09
N GLY A 403 26.90 -4.10 0.85
CA GLY A 403 27.31 -4.94 -0.29
C GLY A 403 26.16 -5.63 -0.99
N GLY A 404 24.94 -5.25 -0.66
CA GLY A 404 23.78 -5.87 -1.26
C GLY A 404 23.26 -5.03 -2.40
N LYS A 405 22.28 -5.58 -3.11
CA LYS A 405 21.56 -4.85 -4.13
C LYS A 405 20.23 -4.39 -3.53
N PRO A 406 20.01 -3.06 -3.46
CA PRO A 406 18.76 -2.56 -2.86
C PRO A 406 17.55 -2.93 -3.70
N ALA A 407 16.46 -3.33 -3.03
CA ALA A 407 15.24 -3.72 -3.72
C ALA A 407 14.37 -2.50 -4.01
N MET A 408 14.53 -1.92 -5.19
CA MET A 408 13.92 -0.62 -5.44
C MET A 408 12.45 -0.71 -5.87
N HIS A 409 11.92 -1.93 -5.96
CA HIS A 409 10.47 -2.14 -6.12
C HIS A 409 9.77 -2.14 -4.76
N ILE A 410 10.56 -2.05 -3.69
CA ILE A 410 10.04 -1.98 -2.33
C ILE A 410 10.48 -0.67 -1.67
N LEU A 411 11.79 -0.45 -1.66
CA LEU A 411 12.38 0.80 -1.17
C LEU A 411 12.10 1.94 -2.16
N GLU A 412 11.59 3.07 -1.66
CA GLU A 412 11.12 4.14 -2.55
C GLU A 412 12.06 5.33 -2.71
N GLY A 413 13.13 5.35 -1.94
CA GLY A 413 14.08 6.45 -1.98
C GLY A 413 15.20 6.17 -2.95
N GLU A 414 16.38 6.72 -2.69
CA GLU A 414 17.54 6.38 -3.51
C GLU A 414 18.80 6.26 -2.69
N SER A 415 19.68 5.34 -3.10
CA SER A 415 20.96 5.19 -2.43
C SER A 415 21.77 6.47 -2.58
N LEU A 416 22.42 6.87 -1.49
CA LEU A 416 23.28 8.05 -1.51
C LEU A 416 24.73 7.68 -1.79
N ILE A 417 24.99 6.39 -2.01
CA ILE A 417 26.36 5.93 -2.25
C ILE A 417 27.00 6.64 -3.47
N PRO A 418 26.27 6.81 -4.60
CA PRO A 418 26.92 7.54 -5.70
C PRO A 418 27.44 8.93 -5.32
N ILE A 419 26.73 9.61 -4.42
CA ILE A 419 27.16 10.93 -3.98
C ILE A 419 28.40 10.82 -3.11
N LEU A 420 28.36 9.89 -2.17
CA LEU A 420 29.49 9.69 -1.25
C LEU A 420 30.78 9.31 -1.98
N HIS A 421 30.63 8.53 -3.07
CA HIS A 421 31.79 8.02 -3.78
C HIS A 421 32.16 8.89 -4.97
N GLY A 422 31.51 10.05 -5.06
CA GLY A 422 31.84 11.07 -6.03
C GLY A 422 31.46 10.80 -7.47
N ALA A 423 30.52 9.89 -7.70
CA ALA A 423 30.04 9.59 -9.04
C ALA A 423 29.19 10.72 -9.59
N ARG A 424 28.45 11.37 -8.70
CA ARG A 424 27.70 12.59 -9.02
C ARG A 424 27.47 13.31 -7.70
N ASP A 425 27.11 14.59 -7.74
CA ASP A 425 26.99 15.34 -6.48
C ASP A 425 25.54 15.63 -6.13
N HIS A 426 24.63 14.95 -6.83
CA HIS A 426 23.21 15.20 -6.69
C HIS A 426 22.41 13.90 -6.68
N THR A 427 21.22 13.96 -6.09
CA THR A 427 20.22 12.90 -6.21
C THR A 427 19.49 13.07 -7.52
N LEU A 428 18.60 12.13 -7.84
CA LEU A 428 17.89 12.15 -9.12
C LEU A 428 16.50 12.79 -9.00
N ARG A 429 15.94 12.77 -7.80
CA ARG A 429 14.57 13.27 -7.59
C ARG A 429 14.43 14.76 -7.92
N ASP A 430 13.23 15.15 -8.33
CA ASP A 430 12.97 16.56 -8.62
C ASP A 430 12.12 17.22 -7.53
N HIS A 431 11.74 16.46 -6.51
CA HIS A 431 11.01 17.01 -5.37
C HIS A 431 11.09 16.11 -4.17
N VAL A 432 10.76 16.65 -2.99
CA VAL A 432 10.61 15.83 -1.79
C VAL A 432 9.16 15.83 -1.36
N ILE A 433 8.81 14.85 -0.53
CA ILE A 433 7.46 14.69 -0.02
C ILE A 433 7.47 14.60 1.51
N CYS A 434 6.54 15.28 2.16
CA CYS A 434 6.31 15.06 3.57
C CYS A 434 4.80 14.97 3.79
N GLU A 435 4.36 14.14 4.73
CA GLU A 435 2.93 13.91 4.95
C GLU A 435 2.56 14.06 6.41
N TYR A 436 1.37 14.55 6.69
CA TYR A 436 0.93 14.58 8.09
C TYR A 436 -0.53 14.24 8.20
N ASP A 437 -0.77 13.07 8.81
CA ASP A 437 -2.10 12.57 9.09
C ASP A 437 -2.42 12.88 10.55
N PHE A 438 -3.30 13.86 10.78
CA PHE A 438 -3.64 14.20 12.16
C PHE A 438 -5.04 13.74 12.58
N SER A 439 -5.54 12.68 11.92
CA SER A 439 -6.87 12.14 12.25
C SER A 439 -6.95 11.58 13.67
N ALA A 440 -5.81 11.19 14.25
CA ALA A 440 -5.81 10.65 15.61
C ALA A 440 -5.35 11.67 16.65
N SER A 441 -5.16 12.92 16.25
CA SER A 441 -4.50 13.91 17.12
C SER A 441 -5.44 14.81 17.93
N PRO A 442 -4.97 15.32 19.09
CA PRO A 442 -5.72 16.32 19.84
C PRO A 442 -6.22 17.47 18.95
N ILE A 443 -5.44 17.91 17.97
CA ILE A 443 -5.89 19.08 17.21
C ILE A 443 -7.13 18.77 16.37
N ALA A 444 -7.31 17.49 15.98
CA ALA A 444 -8.54 17.10 15.26
C ALA A 444 -9.76 17.14 16.18
N HIS A 445 -9.58 16.78 17.44
CA HIS A 445 -10.64 16.91 18.44
C HIS A 445 -10.93 18.37 18.71
N LEU A 446 -9.86 19.17 18.81
CA LEU A 446 -10.03 20.58 19.18
C LEU A 446 -10.75 21.37 18.10
N ASN A 447 -10.66 20.90 16.85
CA ASN A 447 -11.22 21.62 15.73
C ASN A 447 -12.33 20.88 15.00
N ASP A 448 -12.75 19.74 15.52
CA ASP A 448 -13.80 18.92 14.91
C ASP A 448 -13.53 18.64 13.44
N ILE A 449 -12.35 18.10 13.17
CA ILE A 449 -12.01 17.70 11.80
C ILE A 449 -12.20 16.19 11.67
N SER A 450 -12.95 15.80 10.65
CA SER A 450 -13.19 14.40 10.32
C SER A 450 -11.90 13.64 10.03
N VAL A 451 -11.91 12.34 10.27
CA VAL A 451 -10.78 11.49 9.96
C VAL A 451 -10.38 11.67 8.49
N ARG A 452 -11.36 11.69 7.59
CA ARG A 452 -11.08 11.80 6.16
C ARG A 452 -10.42 13.13 5.76
N GLN A 453 -10.75 14.22 6.45
CA GLN A 453 -10.21 15.53 6.08
C GLN A 453 -9.01 15.97 6.94
N ALA A 454 -8.61 15.15 7.89
CA ALA A 454 -7.54 15.52 8.80
C ALA A 454 -6.19 15.03 8.30
N VAL A 455 -5.85 15.45 7.08
CA VAL A 455 -4.66 14.99 6.38
C VAL A 455 -4.07 16.16 5.62
N MET A 456 -2.74 16.26 5.60
CA MET A 456 -2.09 17.28 4.78
C MET A 456 -0.85 16.71 4.11
N PHE A 457 -0.51 17.27 2.96
CA PHE A 457 0.62 16.83 2.13
C PHE A 457 1.56 17.99 1.86
N MET A 458 2.86 17.73 1.82
CA MET A 458 3.87 18.74 1.45
C MET A 458 4.69 18.29 0.25
N VAL A 459 4.80 19.11 -0.79
CA VAL A 459 5.77 18.83 -1.83
C VAL A 459 6.68 20.05 -1.99
N ALA A 460 7.98 19.81 -2.10
CA ALA A 460 8.91 20.92 -2.23
C ALA A 460 10.07 20.59 -3.17
N ASP A 461 10.61 21.60 -3.82
CA ASP A 461 11.91 21.44 -4.47
C ASP A 461 12.82 22.54 -3.93
N LYS A 462 13.85 22.93 -4.69
CA LYS A 462 14.76 23.95 -4.18
C LYS A 462 14.12 25.33 -4.21
N ASN A 463 13.04 25.46 -4.99
CA ASN A 463 12.45 26.77 -5.23
C ASN A 463 11.15 27.02 -4.48
N TRP A 464 10.31 25.99 -4.38
CA TRP A 464 8.96 26.14 -3.85
C TRP A 464 8.61 25.07 -2.83
N LYS A 465 7.75 25.43 -1.89
CA LYS A 465 7.12 24.45 -1.02
C LYS A 465 5.60 24.62 -1.04
N LEU A 466 4.89 23.57 -1.42
CA LEU A 466 3.42 23.61 -1.48
C LEU A 466 2.81 22.74 -0.37
N ILE A 467 1.83 23.28 0.35
CA ILE A 467 1.12 22.49 1.36
C ILE A 467 -0.34 22.33 0.94
N HIS A 468 -0.78 21.08 0.81
CA HIS A 468 -2.18 20.77 0.50
C HIS A 468 -2.94 20.29 1.73
N PHE A 469 -4.11 20.87 1.97
CA PHE A 469 -4.98 20.39 3.05
C PHE A 469 -6.23 19.74 2.48
N GLU A 470 -6.62 18.61 3.03
CA GLU A 470 -7.90 18.01 2.64
C GLU A 470 -9.08 18.74 3.28
N ALA A 471 -8.82 19.50 4.33
CA ALA A 471 -9.90 20.18 5.07
C ALA A 471 -10.14 21.62 4.57
N ASP A 472 -9.35 22.06 3.60
CA ASP A 472 -9.51 23.42 3.05
C ASP A 472 -9.02 23.44 1.59
N PRO A 473 -9.79 24.10 0.71
CA PRO A 473 -9.47 24.11 -0.74
C PRO A 473 -8.27 24.97 -1.11
N ARG A 474 -7.83 25.84 -0.22
CA ARG A 474 -6.71 26.73 -0.50
C ARG A 474 -5.39 26.15 0.03
N PRO A 475 -4.36 26.10 -0.83
CA PRO A 475 -3.06 25.59 -0.40
C PRO A 475 -2.23 26.69 0.26
N MET A 476 -1.11 26.31 0.91
CA MET A 476 -0.08 27.27 1.31
C MET A 476 1.07 27.11 0.34
N LEU A 477 1.78 28.20 0.07
CA LEU A 477 2.92 28.16 -0.83
C LEU A 477 4.03 29.09 -0.33
N PHE A 478 5.26 28.58 -0.25
CA PHE A 478 6.39 29.43 0.09
C PHE A 478 7.39 29.48 -1.06
N ASP A 479 7.92 30.67 -1.30
CA ASP A 479 9.04 30.87 -2.21
C ASP A 479 10.33 30.65 -1.44
N LEU A 480 10.87 29.43 -1.50
CA LEU A 480 12.04 29.06 -0.71
C LEU A 480 13.30 29.81 -1.10
N LYS A 481 13.36 30.22 -2.36
CA LYS A 481 14.54 30.90 -2.85
C LYS A 481 14.62 32.33 -2.28
N ASN A 482 13.50 33.04 -2.31
CA ASN A 482 13.51 34.44 -1.88
C ASN A 482 12.97 34.66 -0.45
N ASP A 483 12.35 33.63 0.11
CA ASP A 483 11.77 33.69 1.46
C ASP A 483 12.19 32.39 2.21
N PRO A 484 13.51 32.16 2.35
CA PRO A 484 13.97 30.90 2.92
C PRO A 484 13.52 30.70 4.38
N GLN A 485 13.14 31.78 5.05
CA GLN A 485 12.60 31.66 6.41
C GLN A 485 11.12 31.25 6.41
N GLU A 486 10.53 31.18 5.23
CA GLU A 486 9.15 30.73 5.06
C GLU A 486 8.14 31.53 5.89
N LEU A 487 8.14 32.85 5.71
CA LEU A 487 7.30 33.74 6.50
C LEU A 487 6.07 34.24 5.73
N VAL A 488 6.14 34.17 4.40
CA VAL A 488 5.11 34.78 3.56
C VAL A 488 4.34 33.74 2.74
N ASP A 489 3.09 33.52 3.12
CA ASP A 489 2.23 32.54 2.45
C ASP A 489 1.70 33.10 1.12
N LEU A 490 2.11 32.48 0.01
CA LEU A 490 1.67 32.89 -1.32
C LEU A 490 0.56 31.99 -1.88
N GLY A 491 -0.05 31.20 -1.02
CA GLY A 491 -1.03 30.21 -1.46
C GLY A 491 -2.28 30.77 -2.10
N GLY A 492 -2.59 32.02 -1.77
CA GLY A 492 -3.78 32.66 -2.30
C GLY A 492 -3.50 33.75 -3.32
N ASP A 493 -2.24 33.92 -3.68
CA ASP A 493 -1.85 34.95 -4.65
C ASP A 493 -2.10 34.51 -6.09
N PRO A 494 -2.97 35.24 -6.81
CA PRO A 494 -3.31 34.92 -8.20
C PRO A 494 -2.11 34.89 -9.16
N ALA A 495 -1.07 35.67 -8.87
CA ALA A 495 0.11 35.69 -9.74
C ALA A 495 0.96 34.43 -9.63
N HIS A 496 0.70 33.62 -8.60
CA HIS A 496 1.43 32.35 -8.49
C HIS A 496 0.57 31.14 -8.87
N ALA A 497 -0.52 31.37 -9.59
CA ALA A 497 -1.42 30.30 -10.03
C ALA A 497 -0.69 29.19 -10.77
N ASP A 498 0.13 29.56 -11.76
CA ASP A 498 0.86 28.56 -12.54
C ASP A 498 1.88 27.78 -11.72
N VAL A 499 2.52 28.44 -10.76
CA VAL A 499 3.50 27.75 -9.92
C VAL A 499 2.77 26.75 -9.03
N ILE A 500 1.61 27.13 -8.53
CA ILE A 500 0.81 26.26 -7.67
C ILE A 500 0.36 25.04 -8.47
N ALA A 501 -0.12 25.27 -9.69
CA ALA A 501 -0.52 24.16 -10.57
C ALA A 501 0.65 23.22 -10.82
N GLY A 502 1.82 23.80 -11.07
CA GLY A 502 3.03 23.03 -11.36
C GLY A 502 3.45 22.15 -10.19
N MET A 503 3.33 22.68 -8.98
CA MET A 503 3.69 21.90 -7.80
C MET A 503 2.64 20.80 -7.55
N TYR A 504 1.36 21.11 -7.76
CA TYR A 504 0.32 20.10 -7.66
C TYR A 504 0.53 18.96 -8.67
N ASP A 505 1.07 19.28 -9.84
CA ASP A 505 1.41 18.26 -10.83
C ASP A 505 2.46 17.32 -10.29
N LYS A 506 3.43 17.86 -9.54
CA LYS A 506 4.46 17.02 -8.93
C LYS A 506 3.86 16.15 -7.83
N LEU A 507 2.93 16.71 -7.05
CA LEU A 507 2.27 15.93 -6.01
C LEU A 507 1.45 14.78 -6.63
N PHE A 508 0.68 15.12 -7.67
CA PHE A 508 -0.15 14.12 -8.37
C PHE A 508 0.72 13.00 -8.97
N ARG A 509 1.84 13.37 -9.57
CA ARG A 509 2.76 12.40 -10.14
C ARG A 509 3.19 11.39 -9.08
N TRP A 510 3.49 11.89 -7.89
CA TRP A 510 3.92 11.05 -6.77
C TRP A 510 2.78 10.16 -6.25
N THR A 511 1.56 10.69 -6.18
CA THR A 511 0.45 9.85 -5.68
C THR A 511 0.15 8.68 -6.64
N ARG A 512 0.53 8.80 -7.91
CA ARG A 512 0.27 7.74 -8.91
C ARG A 512 1.32 6.64 -8.92
N ARG A 513 2.37 6.79 -8.12
CA ARG A 513 3.44 5.80 -8.05
C ARG A 513 2.88 4.43 -7.66
N GLN A 514 3.49 3.36 -8.18
CA GLN A 514 3.04 2.00 -7.91
C GLN A 514 3.79 1.39 -6.72
N SER A 515 3.58 1.93 -5.54
CA SER A 515 4.38 1.55 -4.39
C SER A 515 4.01 0.20 -3.78
N GLN A 516 2.93 -0.42 -4.24
CA GLN A 516 2.48 -1.65 -3.59
C GLN A 516 2.80 -2.92 -4.37
N ARG A 517 3.36 -2.76 -5.55
CA ARG A 517 3.78 -3.91 -6.36
C ARG A 517 5.12 -4.44 -5.85
N THR A 518 5.10 -5.14 -4.72
CA THR A 518 6.32 -5.49 -4.02
C THR A 518 6.73 -6.96 -4.16
N THR A 519 5.88 -7.78 -4.79
CA THR A 519 6.18 -9.21 -4.89
C THR A 519 6.92 -9.61 -6.18
N ARG A 520 7.12 -8.63 -7.06
CA ARG A 520 7.92 -8.86 -8.27
C ARG A 520 8.84 -7.67 -8.50
N SER A 521 10.13 -7.96 -8.76
CA SER A 521 11.12 -6.92 -9.09
C SER A 521 11.00 -6.49 -10.55
N GLU A 522 11.66 -5.40 -10.90
CA GLU A 522 11.66 -4.92 -12.28
C GLU A 522 12.17 -5.99 -13.21
N GLU A 523 13.24 -6.64 -12.79
CA GLU A 523 13.87 -7.74 -13.52
C GLU A 523 12.91 -8.91 -13.78
N GLN A 524 12.14 -9.27 -12.75
CA GLN A 524 11.18 -10.36 -12.87
C GLN A 524 10.01 -9.99 -13.78
N LEU A 525 9.56 -8.74 -13.71
CA LEU A 525 8.47 -8.27 -14.57
C LEU A 525 8.90 -8.34 -16.05
N ILE A 526 10.12 -7.92 -16.32
CA ILE A 526 10.64 -7.98 -17.68
C ILE A 526 10.75 -9.42 -18.17
N ALA A 527 11.25 -10.33 -17.33
CA ALA A 527 11.37 -11.74 -17.72
C ALA A 527 10.00 -12.36 -18.01
N MET A 528 8.98 -11.90 -17.29
CA MET A 528 7.62 -12.41 -17.47
C MET A 528 7.05 -12.14 -18.86
N ARG A 529 7.61 -11.15 -19.55
CA ARG A 529 7.04 -10.69 -20.81
C ARG A 529 6.98 -11.78 -21.89
N THR A 530 7.90 -12.73 -21.83
CA THR A 530 8.03 -13.72 -22.91
C THR A 530 7.82 -15.15 -22.42
N LYS A 531 7.51 -15.29 -21.13
CA LYS A 531 7.44 -16.59 -20.49
C LYS A 531 6.30 -17.49 -21.01
N SER A 532 5.13 -16.92 -21.24
CA SER A 532 3.95 -17.73 -21.60
C SER A 532 3.98 -18.17 -23.06
N ARG A 533 4.84 -17.53 -23.85
CA ARG A 533 4.89 -17.76 -25.29
C ARG A 533 5.24 -19.22 -25.62
N LYS A 534 6.19 -19.78 -24.89
CA LYS A 534 6.58 -21.16 -25.10
C LYS A 534 5.95 -22.12 -24.09
N ARG A 535 4.90 -21.68 -23.42
CA ARG A 535 4.20 -22.57 -22.50
C ARG A 535 2.74 -22.78 -22.89
N GLY A 536 2.46 -22.65 -24.19
CA GLY A 536 1.17 -23.04 -24.73
C GLY A 536 0.11 -21.96 -24.83
N ILE A 537 0.41 -20.75 -24.38
CA ILE A 537 -0.58 -19.69 -24.53
C ILE A 537 -0.51 -19.18 -25.96
N VAL A 538 -1.49 -19.59 -26.76
CA VAL A 538 -1.56 -19.27 -28.18
C VAL A 538 -2.81 -18.44 -28.46
N LEU A 539 -2.62 -17.16 -28.76
CA LEU A 539 -3.75 -16.25 -28.94
C LEU A 539 -3.74 -15.57 -30.32
N GLY A 540 -4.93 -15.37 -30.87
CA GLY A 540 -5.08 -14.73 -32.17
C GLY A 540 -4.49 -15.54 -33.32
N ILE A 541 -4.39 -16.85 -33.15
CA ILE A 541 -3.79 -17.70 -34.19
C ILE A 541 -4.88 -18.52 -34.89
N TYR A 542 -5.07 -18.25 -36.19
CA TYR A 542 -6.18 -18.85 -36.94
C TYR A 542 -5.87 -20.28 -37.39
N ASP A 543 -4.67 -20.51 -37.91
CA ASP A 543 -4.23 -21.86 -38.22
C ASP A 543 -2.73 -21.99 -38.01
N GLU A 544 -2.19 -23.19 -38.22
CA GLU A 544 -0.82 -23.49 -37.84
C GLU A 544 0.24 -22.67 -38.57
N ASN A 545 -0.12 -22.06 -39.69
CA ASN A 545 0.83 -21.27 -40.46
C ASN A 545 1.01 -19.85 -39.92
N GLU A 546 0.24 -19.45 -38.91
CA GLU A 546 0.27 -18.06 -38.44
C GLU A 546 1.15 -17.82 -37.21
N THR A 547 1.86 -18.86 -36.78
CA THR A 547 2.81 -18.75 -35.67
C THR A 547 3.84 -19.86 -35.86
N PRO A 548 5.07 -19.68 -35.35
CA PRO A 548 6.09 -20.73 -35.46
C PRO A 548 5.60 -22.09 -34.94
N LEU A 549 5.97 -23.17 -35.64
CA LEU A 549 5.43 -24.49 -35.32
C LEU A 549 5.79 -25.00 -33.94
N GLU A 550 6.95 -24.61 -33.42
CA GLU A 550 7.37 -25.10 -32.11
C GLU A 550 6.42 -24.64 -31.00
N LEU A 551 5.77 -23.50 -31.22
CA LEU A 551 4.86 -22.95 -30.21
C LEU A 551 3.58 -23.77 -30.09
N THR A 552 3.25 -24.51 -31.13
CA THR A 552 2.02 -25.29 -31.16
C THR A 552 2.30 -26.79 -31.23
N VAL A 553 3.53 -27.18 -30.86
CA VAL A 553 3.96 -28.58 -30.96
C VAL A 553 3.11 -29.55 -30.13
N LYS A 554 2.53 -29.07 -29.04
CA LYS A 554 1.69 -29.94 -28.21
C LYS A 554 0.26 -29.99 -28.71
N TYR A 555 -0.02 -29.26 -29.79
CA TYR A 555 -1.39 -29.11 -30.28
C TYR A 555 -1.63 -29.71 -31.68
N ARG A 556 -0.55 -29.94 -32.43
CA ARG A 556 -0.61 -30.30 -33.85
C ARG A 556 -0.40 -31.78 -34.07
N ASP A 557 -1.04 -32.32 -35.11
CA ASP A 557 -0.81 -33.68 -35.56
C ASP A 557 -1.12 -34.74 -34.50
N ARG A 558 -2.18 -34.52 -33.71
CA ARG A 558 -2.56 -35.50 -32.69
C ARG A 558 -3.72 -36.34 -33.20
N LYS A 559 -3.89 -37.53 -32.63
CA LYS A 559 -4.92 -38.48 -33.09
C LYS A 559 -5.85 -38.87 -31.95
N ALA A 560 -7.13 -39.08 -32.28
CA ALA A 560 -8.08 -39.55 -31.27
C ALA A 560 -9.26 -40.25 -31.92
N ARG A 561 -10.07 -40.91 -31.11
CA ARG A 561 -11.28 -41.54 -31.60
C ARG A 561 -12.48 -40.65 -31.27
N PRO A 562 -13.61 -40.85 -31.99
CA PRO A 562 -14.87 -40.21 -31.60
C PRO A 562 -15.15 -40.50 -30.13
N TYR A 563 -15.65 -39.51 -29.38
CA TYR A 563 -15.77 -39.65 -27.93
C TYR A 563 -16.63 -40.85 -27.53
N LYS A 564 -17.66 -41.15 -28.31
CA LYS A 564 -18.56 -42.27 -27.99
C LYS A 564 -17.78 -43.58 -27.81
N ASP A 565 -16.70 -43.75 -28.56
CA ASP A 565 -15.93 -44.99 -28.51
C ASP A 565 -15.22 -45.24 -27.18
N TYR A 566 -14.96 -44.17 -26.43
CA TYR A 566 -14.28 -44.30 -25.13
C TYR A 566 -15.25 -44.66 -24.02
N LEU A 567 -16.54 -44.50 -24.30
CA LEU A 567 -17.55 -44.55 -23.26
C LEU A 567 -18.26 -45.89 -23.26
N LYS A 568 -18.44 -46.45 -22.08
CA LYS A 568 -19.04 -47.77 -21.92
C LYS A 568 -19.44 -47.97 -20.45
N GLY A 569 -19.42 -49.21 -20.00
CA GLY A 569 -19.69 -49.53 -18.60
C GLY A 569 -21.02 -50.23 -18.37
N VAL B 17 -29.76 -20.03 8.71
CA VAL B 17 -28.50 -19.47 8.23
C VAL B 17 -28.59 -19.14 6.75
N MET B 18 -28.16 -17.93 6.38
CA MET B 18 -28.11 -17.61 4.96
C MET B 18 -26.71 -17.90 4.42
N ASN B 19 -26.68 -18.50 3.24
CA ASN B 19 -25.44 -18.81 2.55
C ASN B 19 -25.27 -17.89 1.36
N ILE B 20 -24.04 -17.75 0.86
CA ILE B 20 -23.80 -16.91 -0.31
C ILE B 20 -23.18 -17.75 -1.42
N LEU B 21 -23.83 -17.78 -2.57
CA LEU B 21 -23.32 -18.48 -3.74
C LEU B 21 -22.81 -17.43 -4.74
N PHE B 22 -21.49 -17.30 -4.76
CA PHE B 22 -20.79 -16.25 -5.51
C PHE B 22 -20.32 -16.81 -6.87
N ILE B 23 -21.13 -16.62 -7.91
CA ILE B 23 -20.90 -17.25 -9.21
C ILE B 23 -20.21 -16.27 -10.16
N MET B 24 -19.14 -16.73 -10.81
CA MET B 24 -18.42 -15.89 -11.76
C MET B 24 -18.09 -16.69 -13.02
N PHE B 25 -18.17 -16.02 -14.17
CA PHE B 25 -17.74 -16.60 -15.45
C PHE B 25 -16.55 -15.79 -15.94
N ASP B 26 -15.57 -16.45 -16.52
CA ASP B 26 -14.41 -15.72 -17.00
C ASP B 26 -14.64 -15.22 -18.43
N GLN B 27 -14.41 -13.92 -18.62
CA GLN B 27 -14.36 -13.31 -19.96
C GLN B 27 -15.77 -13.16 -20.57
N LEU B 28 -16.78 -13.10 -19.71
CA LEU B 28 -18.18 -12.91 -20.12
C LEU B 28 -18.54 -11.43 -20.25
N ARG B 29 -18.99 -11.04 -21.45
CA ARG B 29 -19.40 -9.67 -21.73
C ARG B 29 -20.74 -9.30 -21.11
N TRP B 30 -20.88 -8.04 -20.71
CA TRP B 30 -22.14 -7.55 -20.15
C TRP B 30 -23.30 -7.69 -21.14
N ASP B 31 -23.03 -7.54 -22.44
CA ASP B 31 -24.12 -7.48 -23.42
C ASP B 31 -24.40 -8.81 -24.09
N TYR B 32 -23.85 -9.89 -23.53
CA TYR B 32 -24.11 -11.23 -24.06
C TYR B 32 -25.01 -12.03 -23.13
N LEU B 33 -25.92 -11.32 -22.47
CA LEU B 33 -27.06 -11.92 -21.80
C LEU B 33 -28.29 -11.24 -22.37
N SER B 34 -29.40 -11.98 -22.54
CA SER B 34 -30.58 -11.35 -23.14
C SER B 34 -31.20 -10.30 -22.22
N CYS B 35 -31.08 -10.45 -20.89
CA CYS B 35 -31.63 -9.44 -19.99
C CYS B 35 -30.89 -8.12 -20.10
N TYR B 36 -29.66 -8.15 -20.63
CA TYR B 36 -28.91 -6.94 -20.92
C TYR B 36 -29.05 -6.52 -22.38
N GLY B 37 -29.93 -7.20 -23.11
CA GLY B 37 -30.30 -6.78 -24.45
C GLY B 37 -29.78 -7.54 -25.67
N HIS B 38 -29.13 -8.69 -25.49
CA HIS B 38 -28.66 -9.40 -26.69
C HIS B 38 -29.85 -9.93 -27.51
N LYS B 39 -29.75 -9.77 -28.83
CA LYS B 39 -30.88 -10.02 -29.74
C LYS B 39 -31.04 -11.47 -30.19
N THR B 40 -29.97 -12.26 -30.16
CA THR B 40 -30.04 -13.61 -30.70
C THR B 40 -29.62 -14.69 -29.70
N LEU B 41 -28.97 -14.26 -28.62
CA LEU B 41 -28.53 -15.18 -27.58
C LEU B 41 -29.50 -15.08 -26.42
N ASN B 42 -30.37 -16.07 -26.28
CA ASN B 42 -31.40 -16.06 -25.25
C ASN B 42 -30.91 -16.81 -24.01
N THR B 43 -30.87 -16.10 -22.87
CA THR B 43 -30.43 -16.69 -21.63
C THR B 43 -31.52 -16.63 -20.55
N PRO B 44 -32.59 -17.43 -20.71
CA PRO B 44 -33.77 -17.35 -19.86
C PRO B 44 -33.55 -17.68 -18.39
N HIS B 45 -32.65 -18.61 -18.08
CA HIS B 45 -32.47 -18.99 -16.69
C HIS B 45 -31.79 -17.88 -15.90
N ILE B 46 -30.78 -17.26 -16.51
CA ILE B 46 -30.10 -16.12 -15.88
C ILE B 46 -31.05 -14.91 -15.87
N ASP B 47 -31.82 -14.74 -16.94
CA ASP B 47 -32.82 -13.67 -16.98
C ASP B 47 -33.84 -13.82 -15.85
N ARG B 48 -34.21 -15.06 -15.54
CA ARG B 48 -35.18 -15.34 -14.51
C ARG B 48 -34.62 -15.02 -13.11
N LEU B 49 -33.33 -15.26 -12.92
CA LEU B 49 -32.68 -14.87 -11.66
C LEU B 49 -32.81 -13.36 -11.49
N ALA B 50 -32.51 -12.62 -12.55
CA ALA B 50 -32.59 -11.16 -12.54
C ALA B 50 -34.01 -10.66 -12.22
N ALA B 51 -35.01 -11.37 -12.72
CA ALA B 51 -36.39 -10.95 -12.54
C ALA B 51 -36.82 -11.07 -11.08
N LYS B 52 -36.10 -11.86 -10.29
CA LYS B 52 -36.39 -11.93 -8.86
C LYS B 52 -35.30 -11.28 -8.02
N GLY B 53 -34.45 -10.47 -8.64
CA GLY B 53 -33.41 -9.78 -7.90
C GLY B 53 -33.13 -8.42 -8.53
N VAL B 54 -31.90 -7.94 -8.37
CA VAL B 54 -31.51 -6.65 -8.92
C VAL B 54 -30.43 -6.84 -10.00
N ARG B 55 -30.64 -6.22 -11.15
CA ARG B 55 -29.65 -6.25 -12.22
C ARG B 55 -28.91 -4.92 -12.27
N PHE B 56 -27.58 -5.00 -12.20
CA PHE B 56 -26.77 -3.78 -12.16
C PHE B 56 -26.27 -3.41 -13.54
N ASP B 57 -26.69 -2.23 -13.98
CA ASP B 57 -26.48 -1.78 -15.35
C ASP B 57 -25.19 -0.98 -15.53
N ARG B 58 -24.49 -0.70 -14.43
CA ARG B 58 -23.30 0.13 -14.52
C ARG B 58 -22.19 -0.40 -13.61
N ALA B 59 -21.87 -1.68 -13.74
CA ALA B 59 -20.86 -2.31 -12.89
C ALA B 59 -19.54 -2.46 -13.62
N TYR B 60 -18.45 -2.03 -12.96
CA TYR B 60 -17.12 -2.02 -13.56
C TYR B 60 -16.11 -2.83 -12.78
N ILE B 61 -15.24 -3.55 -13.48
CA ILE B 61 -14.14 -4.21 -12.78
C ILE B 61 -12.97 -3.24 -12.65
N GLN B 62 -11.99 -3.62 -11.83
CA GLN B 62 -10.94 -2.68 -11.42
C GLN B 62 -9.62 -2.85 -12.19
N SER B 63 -9.56 -3.85 -13.06
CA SER B 63 -8.41 -4.08 -13.95
C SER B 63 -8.84 -5.01 -15.07
N PRO B 64 -8.51 -4.68 -16.33
CA PRO B 64 -9.04 -5.50 -17.45
C PRO B 64 -8.21 -6.72 -17.79
N ILE B 65 -7.89 -7.55 -16.79
CA ILE B 65 -7.23 -8.83 -17.02
C ILE B 65 -7.46 -9.74 -15.81
N CYS B 66 -7.44 -11.06 -16.04
CA CYS B 66 -7.91 -12.05 -15.06
C CYS B 66 -7.35 -11.84 -13.66
N GLY B 67 -6.04 -11.93 -13.54
CA GLY B 67 -5.38 -11.97 -12.24
C GLY B 67 -5.68 -10.73 -11.39
N SER B 68 -5.44 -9.56 -11.95
CA SER B 68 -5.55 -8.34 -11.16
C SER B 68 -7.02 -7.97 -10.94
N SER B 69 -7.90 -8.27 -11.90
CA SER B 69 -9.33 -8.09 -11.67
C SER B 69 -9.80 -8.90 -10.47
N ARG B 70 -9.42 -10.17 -10.46
CA ARG B 70 -9.84 -11.08 -9.41
C ARG B 70 -9.23 -10.71 -8.07
N MET B 71 -7.94 -10.40 -8.06
CA MET B 71 -7.33 -10.02 -6.77
C MET B 71 -8.02 -8.80 -6.14
N SER B 72 -8.44 -7.86 -6.97
CA SER B 72 -9.19 -6.71 -6.48
C SER B 72 -10.54 -7.15 -5.90
N THR B 73 -11.25 -8.00 -6.62
CA THR B 73 -12.52 -8.51 -6.11
C THR B 73 -12.34 -9.28 -4.80
N TYR B 74 -11.32 -10.14 -4.72
CA TYR B 74 -11.16 -10.95 -3.52
C TYR B 74 -10.62 -10.17 -2.32
N THR B 75 -10.01 -9.00 -2.55
CA THR B 75 -9.55 -8.18 -1.44
C THR B 75 -10.47 -7.01 -1.13
N GLY B 76 -11.37 -6.68 -2.06
CA GLY B 76 -12.20 -5.49 -1.95
C GLY B 76 -11.37 -4.20 -2.05
N ARG B 77 -10.22 -4.30 -2.69
CA ARG B 77 -9.28 -3.19 -2.77
C ARG B 77 -8.81 -2.96 -4.20
N TYR B 78 -8.48 -1.71 -4.52
CA TYR B 78 -7.92 -1.36 -5.83
C TYR B 78 -6.53 -1.95 -6.06
N VAL B 79 -6.18 -2.15 -7.33
CA VAL B 79 -4.85 -2.66 -7.68
C VAL B 79 -3.75 -1.77 -7.12
N HIS B 80 -3.97 -0.47 -7.19
CA HIS B 80 -3.04 0.51 -6.63
C HIS B 80 -2.81 0.29 -5.12
N SER B 81 -3.80 -0.32 -4.46
CA SER B 81 -3.71 -0.63 -3.02
C SER B 81 -3.07 -1.99 -2.75
N HIS B 82 -3.46 -3.03 -3.49
CA HIS B 82 -2.99 -4.37 -3.12
C HIS B 82 -1.76 -4.83 -3.90
N GLY B 83 -1.49 -4.23 -5.05
CA GLY B 83 -0.23 -4.47 -5.75
C GLY B 83 -0.09 -5.70 -6.62
N ALA B 84 -1.14 -6.54 -6.66
CA ALA B 84 -1.13 -7.72 -7.53
C ALA B 84 -1.61 -7.29 -8.91
N SER B 85 -0.72 -6.68 -9.69
CA SER B 85 -1.17 -5.84 -10.80
C SER B 85 -1.23 -6.49 -12.20
N TRP B 86 -0.94 -7.78 -12.31
CA TRP B 86 -1.06 -8.48 -13.60
C TRP B 86 -1.16 -9.97 -13.35
N ASN B 87 -1.45 -10.73 -14.40
CA ASN B 87 -1.47 -12.18 -14.27
C ASN B 87 -0.17 -12.71 -13.68
N GLY B 88 -0.28 -13.60 -12.71
CA GLY B 88 0.91 -14.20 -12.14
C GLY B 88 1.72 -13.36 -11.15
N ILE B 89 1.29 -12.14 -10.86
CA ILE B 89 1.95 -11.36 -9.82
C ILE B 89 1.33 -11.72 -8.46
N PRO B 90 2.13 -12.30 -7.55
CA PRO B 90 1.56 -12.76 -6.28
C PRO B 90 0.93 -11.66 -5.45
N LEU B 91 -0.20 -11.98 -4.84
CA LEU B 91 -0.80 -11.10 -3.85
C LEU B 91 0.00 -11.21 -2.55
N LYS B 92 0.51 -10.10 -2.05
CA LYS B 92 1.41 -10.13 -0.89
C LYS B 92 0.76 -10.69 0.37
N VAL B 93 1.58 -11.33 1.21
CA VAL B 93 1.10 -12.03 2.39
C VAL B 93 0.31 -11.15 3.38
N GLY B 94 0.61 -9.87 3.41
CA GLY B 94 -0.08 -8.98 4.34
C GLY B 94 -1.55 -8.72 4.03
N GLU B 95 -1.89 -8.65 2.74
CA GLU B 95 -3.25 -8.29 2.31
C GLU B 95 -4.30 -9.31 2.72
N MET B 96 -5.29 -8.89 3.51
CA MET B 96 -6.33 -9.83 3.87
C MET B 96 -7.39 -9.91 2.79
N THR B 97 -8.15 -10.99 2.83
CA THR B 97 -9.02 -11.32 1.72
C THR B 97 -10.44 -11.53 2.21
N MET B 98 -11.35 -11.69 1.24
CA MET B 98 -12.75 -11.98 1.46
C MET B 98 -12.96 -13.05 2.53
N GLY B 99 -12.26 -14.17 2.38
CA GLY B 99 -12.36 -15.26 3.33
C GLY B 99 -12.07 -14.84 4.77
N ASP B 100 -11.11 -13.95 4.96
CA ASP B 100 -10.78 -13.43 6.29
C ASP B 100 -11.93 -12.60 6.87
N HIS B 101 -12.46 -11.68 6.08
CA HIS B 101 -13.58 -10.85 6.51
C HIS B 101 -14.84 -11.68 6.81
N LEU B 102 -15.09 -12.72 6.01
CA LEU B 102 -16.30 -13.53 6.21
C LEU B 102 -16.18 -14.45 7.43
N ARG B 103 -15.01 -15.08 7.60
CA ARG B 103 -14.80 -15.96 8.76
C ARG B 103 -14.88 -15.21 10.10
N ALA B 104 -14.49 -13.93 10.09
CA ALA B 104 -14.62 -13.10 11.28
C ALA B 104 -16.08 -12.82 11.59
N ALA B 105 -16.94 -12.99 10.58
CA ALA B 105 -18.37 -12.82 10.75
C ALA B 105 -19.08 -14.16 10.92
N GLY B 106 -18.30 -15.24 11.09
CA GLY B 106 -18.87 -16.55 11.31
C GLY B 106 -19.25 -17.36 10.07
N MET B 107 -18.85 -16.89 8.89
CA MET B 107 -19.20 -17.57 7.63
C MET B 107 -17.97 -18.17 6.96
N GLY B 108 -18.05 -19.45 6.59
CA GLY B 108 -16.95 -20.07 5.88
C GLY B 108 -16.84 -19.53 4.47
N CYS B 109 -15.65 -19.64 3.87
CA CYS B 109 -15.43 -19.14 2.52
C CYS B 109 -14.69 -20.20 1.69
N TRP B 110 -15.36 -20.73 0.66
CA TRP B 110 -14.87 -21.89 -0.08
C TRP B 110 -14.77 -21.68 -1.59
N LEU B 111 -13.81 -22.36 -2.22
CA LEU B 111 -13.59 -22.23 -3.67
C LEU B 111 -13.99 -23.47 -4.46
N VAL B 112 -14.76 -23.26 -5.51
CA VAL B 112 -15.04 -24.28 -6.53
C VAL B 112 -14.73 -23.65 -7.88
N GLY B 113 -13.51 -23.82 -8.36
CA GLY B 113 -13.10 -23.27 -9.64
C GLY B 113 -11.85 -22.39 -9.61
N LYS B 114 -11.89 -21.29 -10.37
CA LYS B 114 -10.72 -20.49 -10.70
C LYS B 114 -10.52 -19.27 -9.80
N THR B 115 -9.27 -19.00 -9.43
CA THR B 115 -8.93 -17.71 -8.82
C THR B 115 -7.78 -16.99 -9.51
N HIS B 116 -6.91 -17.74 -10.20
CA HIS B 116 -5.67 -17.22 -10.78
C HIS B 116 -4.71 -16.70 -9.71
N MET B 117 -4.91 -17.16 -8.47
CA MET B 117 -4.02 -16.79 -7.36
C MET B 117 -2.61 -17.36 -7.54
N ARG B 118 -1.60 -16.54 -7.21
CA ARG B 118 -0.22 -17.01 -7.11
C ARG B 118 0.27 -16.72 -5.70
N ALA B 119 0.70 -17.75 -4.98
CA ALA B 119 1.12 -17.56 -3.60
C ALA B 119 2.36 -16.68 -3.53
N ASP B 120 2.38 -15.80 -2.54
CA ASP B 120 3.56 -15.00 -2.23
C ASP B 120 4.55 -15.87 -1.45
N GLU B 121 5.22 -16.77 -2.15
CA GLU B 121 6.10 -17.74 -1.51
C GLU B 121 7.22 -17.09 -0.71
N GLU B 122 7.80 -16.03 -1.26
CA GLU B 122 8.85 -15.28 -0.58
C GLU B 122 8.36 -14.68 0.72
N GLY B 123 7.19 -14.06 0.68
CA GLY B 123 6.63 -13.42 1.85
C GLY B 123 6.25 -14.42 2.92
N MET B 124 5.75 -15.57 2.48
CA MET B 124 5.39 -16.63 3.41
C MET B 124 6.63 -17.15 4.12
N ALA B 125 7.70 -17.34 3.37
CA ALA B 125 8.95 -17.82 3.94
C ALA B 125 9.50 -16.81 4.96
N ARG B 126 9.42 -15.52 4.61
CA ARG B 126 9.90 -14.46 5.49
C ARG B 126 9.19 -14.48 6.85
N LEU B 127 7.90 -14.81 6.85
CA LEU B 127 7.14 -14.80 8.09
C LEU B 127 6.99 -16.20 8.69
N GLY B 128 7.60 -17.20 8.05
CA GLY B 128 7.58 -18.56 8.57
C GLY B 128 6.23 -19.22 8.43
N LEU B 129 5.48 -18.81 7.43
CA LEU B 129 4.18 -19.43 7.12
C LEU B 129 4.36 -20.68 6.28
N GLU B 130 3.91 -21.83 6.80
CA GLU B 130 3.97 -23.10 6.09
C GLU B 130 2.73 -23.31 5.22
N PRO B 131 2.92 -23.68 3.95
CA PRO B 131 1.83 -23.85 2.97
C PRO B 131 0.89 -25.03 3.31
N ASP B 132 1.32 -25.86 4.25
CA ASP B 132 0.56 -27.04 4.64
C ASP B 132 -0.21 -26.83 5.95
N SER B 133 -0.05 -25.66 6.56
CA SER B 133 -0.83 -25.35 7.78
C SER B 133 -2.18 -24.76 7.37
N LEU B 134 -3.10 -24.68 8.32
CA LEU B 134 -4.40 -24.07 8.03
C LEU B 134 -4.23 -22.61 7.62
N ILE B 135 -3.46 -21.84 8.40
CA ILE B 135 -3.28 -20.43 8.07
C ILE B 135 -2.51 -20.26 6.76
N GLY B 136 -1.44 -21.03 6.60
CA GLY B 136 -0.64 -20.99 5.40
C GLY B 136 -1.37 -21.38 4.11
N ALA B 137 -2.14 -22.46 4.17
CA ALA B 137 -2.89 -22.90 2.99
C ALA B 137 -3.89 -21.83 2.56
N ARG B 138 -4.49 -21.14 3.53
CA ARG B 138 -5.45 -20.08 3.22
C ARG B 138 -4.76 -18.87 2.58
N VAL B 139 -3.64 -18.43 3.13
CA VAL B 139 -2.85 -17.35 2.53
C VAL B 139 -2.44 -17.67 1.09
N ALA B 140 -2.03 -18.91 0.87
CA ALA B 140 -1.58 -19.33 -0.46
C ALA B 140 -2.75 -19.39 -1.46
N GLU B 141 -3.98 -19.48 -0.96
CA GLU B 141 -5.16 -19.62 -1.85
C GLU B 141 -6.08 -18.41 -1.79
N CYS B 142 -5.51 -17.25 -1.48
CA CYS B 142 -6.28 -16.01 -1.49
C CYS B 142 -7.44 -16.02 -0.48
N GLY B 143 -7.26 -16.70 0.64
CA GLY B 143 -8.25 -16.69 1.70
C GLY B 143 -9.31 -17.77 1.64
N PHE B 144 -9.37 -18.49 0.52
CA PHE B 144 -10.35 -19.57 0.35
C PHE B 144 -9.87 -20.88 0.97
N ASP B 145 -10.77 -21.56 1.65
CA ASP B 145 -10.63 -23.01 1.82
C ASP B 145 -10.98 -23.63 0.47
N VAL B 146 -10.29 -24.70 0.08
CA VAL B 146 -10.46 -25.20 -1.27
C VAL B 146 -11.25 -26.51 -1.32
N PHE B 147 -12.37 -26.48 -2.03
CA PHE B 147 -13.07 -27.70 -2.35
C PHE B 147 -12.47 -28.27 -3.63
N GLU B 148 -12.40 -27.43 -4.65
CA GLU B 148 -11.64 -27.76 -5.86
C GLU B 148 -11.08 -26.47 -6.46
N ARG B 149 -9.76 -26.41 -6.58
CA ARG B 149 -9.09 -25.31 -7.29
C ARG B 149 -8.80 -25.74 -8.72
N ASP B 150 -9.34 -25.02 -9.68
CA ASP B 150 -9.01 -25.27 -11.07
C ASP B 150 -9.14 -23.99 -11.86
N ASP B 151 -8.02 -23.47 -12.33
CA ASP B 151 -8.02 -22.22 -13.06
C ASP B 151 -8.50 -22.43 -14.51
N GLY B 152 -8.77 -23.67 -14.89
CA GLY B 152 -9.59 -23.92 -16.07
C GLY B 152 -8.93 -24.20 -17.40
N MET B 153 -7.62 -24.38 -17.41
CA MET B 153 -6.97 -24.78 -18.65
C MET B 153 -5.66 -25.48 -18.40
N LEU B 154 -5.26 -26.31 -19.37
CA LEU B 154 -3.97 -26.97 -19.34
C LEU B 154 -3.20 -26.75 -20.66
N PRO B 155 -2.77 -25.50 -20.91
CA PRO B 155 -1.92 -25.23 -22.07
C PRO B 155 -0.50 -25.77 -21.85
N GLU B 156 0.18 -26.08 -22.94
CA GLU B 156 1.56 -26.56 -22.88
C GLU B 156 2.29 -26.26 -24.19
N GLY B 157 3.57 -25.97 -24.08
CA GLY B 157 4.41 -25.70 -25.22
C GLY B 157 5.77 -26.34 -25.01
N PRO B 158 6.77 -25.92 -25.79
CA PRO B 158 8.11 -26.54 -25.70
C PRO B 158 8.80 -26.32 -24.36
N ASP B 159 8.46 -25.25 -23.64
CA ASP B 159 9.06 -24.98 -22.34
C ASP B 159 8.25 -25.56 -21.18
N GLY B 160 7.13 -26.22 -21.48
CA GLY B 160 6.34 -26.88 -20.46
C GLY B 160 4.93 -26.35 -20.32
N TYR B 161 4.31 -26.63 -19.18
CA TYR B 161 2.95 -26.19 -18.88
C TYR B 161 2.91 -24.74 -18.40
N TYR B 162 1.90 -23.98 -18.84
CA TYR B 162 1.65 -22.66 -18.27
C TYR B 162 1.30 -22.82 -16.79
N ASP B 163 0.46 -23.81 -16.53
CA ASP B 163 -0.01 -24.13 -15.19
C ASP B 163 -0.15 -25.64 -15.08
N PRO B 164 0.85 -26.31 -14.49
CA PRO B 164 0.94 -27.76 -14.40
C PRO B 164 -0.25 -28.39 -13.71
N ASP B 165 -0.93 -27.61 -12.87
CA ASP B 165 -2.05 -28.12 -12.06
C ASP B 165 -3.40 -27.83 -12.69
N GLY B 166 -3.42 -27.22 -13.88
CA GLY B 166 -4.66 -26.98 -14.58
C GLY B 166 -5.39 -28.27 -14.90
N ALA B 167 -6.71 -28.28 -14.68
CA ALA B 167 -7.55 -29.43 -15.00
C ALA B 167 -7.09 -30.70 -14.29
N LYS B 168 -6.46 -30.57 -13.12
CA LYS B 168 -5.95 -31.77 -12.46
C LYS B 168 -7.06 -32.77 -12.11
N GLU B 169 -8.05 -32.32 -11.35
CA GLU B 169 -9.15 -33.23 -10.99
C GLU B 169 -10.04 -33.54 -12.18
N TYR B 170 -10.21 -32.56 -13.06
CA TYR B 170 -11.02 -32.72 -14.26
C TYR B 170 -10.46 -33.82 -15.16
N ASN B 171 -9.14 -33.85 -15.33
CA ASN B 171 -8.54 -34.89 -16.16
C ASN B 171 -8.69 -36.28 -15.52
N LYS B 172 -8.63 -36.36 -14.20
CA LYS B 172 -8.86 -37.63 -13.50
C LYS B 172 -10.31 -38.08 -13.75
N PHE B 173 -11.22 -37.11 -13.74
CA PHE B 173 -12.64 -37.35 -13.96
C PHE B 173 -12.87 -37.93 -15.37
N LEU B 174 -12.27 -37.30 -16.38
CA LEU B 174 -12.41 -37.78 -17.74
C LEU B 174 -11.77 -39.16 -17.91
N ARG B 175 -10.57 -39.36 -17.36
CA ARG B 175 -9.88 -40.65 -17.50
C ARG B 175 -10.65 -41.78 -16.82
N ALA B 176 -11.30 -41.47 -15.70
CA ALA B 176 -12.14 -42.46 -15.00
C ALA B 176 -13.37 -42.85 -15.81
N LYS B 177 -13.85 -41.96 -16.68
CA LYS B 177 -14.98 -42.29 -17.53
C LYS B 177 -14.57 -43.06 -18.78
N GLY B 178 -13.27 -43.09 -19.06
CA GLY B 178 -12.76 -43.88 -20.17
C GLY B 178 -12.07 -43.10 -21.27
N TYR B 179 -12.07 -41.77 -21.15
CA TYR B 179 -11.30 -40.95 -22.09
C TYR B 179 -9.83 -41.26 -21.89
N GLU B 180 -9.06 -41.42 -22.96
CA GLU B 180 -7.62 -41.56 -22.80
C GLU B 180 -6.85 -40.70 -23.81
N SER B 181 -5.90 -39.96 -23.24
CA SER B 181 -5.08 -38.99 -23.94
C SER B 181 -4.04 -38.49 -22.95
N ASP B 182 -2.91 -37.99 -23.40
CA ASP B 182 -2.01 -37.45 -22.39
C ASP B 182 -2.41 -35.99 -22.07
N ASN B 183 -3.47 -35.49 -22.71
CA ASN B 183 -4.12 -34.26 -22.25
C ASN B 183 -5.61 -34.28 -22.62
N PRO B 184 -6.43 -34.96 -21.80
CA PRO B 184 -7.86 -35.10 -22.11
C PRO B 184 -8.59 -33.75 -22.14
N TRP B 185 -8.22 -32.81 -21.27
CA TRP B 185 -8.78 -31.45 -21.30
C TRP B 185 -8.61 -30.85 -22.70
N HIS B 186 -7.45 -31.04 -23.31
CA HIS B 186 -7.23 -30.51 -24.66
C HIS B 186 -7.96 -31.29 -25.75
N ASP B 187 -7.75 -32.61 -25.78
CA ASP B 187 -8.15 -33.41 -26.93
C ASP B 187 -9.67 -33.63 -27.04
N PHE B 188 -10.35 -33.58 -25.89
CA PHE B 188 -11.79 -33.82 -25.89
C PHE B 188 -12.60 -32.56 -25.57
N ALA B 189 -12.35 -31.93 -24.43
CA ALA B 189 -13.12 -30.75 -24.05
C ALA B 189 -12.83 -29.58 -24.98
N ASN B 190 -11.62 -29.49 -25.51
CA ASN B 190 -11.22 -28.27 -26.23
C ASN B 190 -10.63 -28.49 -27.61
N SER B 191 -11.01 -29.58 -28.26
CA SER B 191 -10.64 -29.85 -29.65
C SER B 191 -11.82 -30.54 -30.35
N GLY B 192 -11.88 -30.37 -31.66
CA GLY B 192 -12.81 -31.14 -32.48
C GLY B 192 -12.11 -32.38 -33.01
N LEU B 193 -12.79 -33.12 -33.89
CA LEU B 193 -12.17 -34.26 -34.54
C LEU B 193 -12.67 -34.33 -35.98
N ASP B 194 -11.76 -34.52 -36.95
CA ASP B 194 -12.22 -34.61 -38.34
C ASP B 194 -12.59 -36.05 -38.68
N ASP B 195 -12.93 -36.31 -39.94
CA ASP B 195 -13.36 -37.64 -40.37
C ASP B 195 -12.27 -38.71 -40.26
N GLU B 196 -11.01 -38.29 -40.29
CA GLU B 196 -9.88 -39.23 -40.32
C GLU B 196 -9.23 -39.41 -38.96
N GLY B 197 -9.92 -38.96 -37.91
CA GLY B 197 -9.41 -39.16 -36.55
C GLY B 197 -8.32 -38.18 -36.15
N ASN B 198 -8.24 -37.04 -36.83
CA ASN B 198 -7.26 -36.03 -36.48
C ASN B 198 -7.83 -34.99 -35.53
N VAL B 199 -7.20 -34.85 -34.36
CA VAL B 199 -7.58 -33.85 -33.38
C VAL B 199 -7.47 -32.44 -33.98
N GLN B 200 -8.56 -31.68 -33.91
CA GLN B 200 -8.56 -30.29 -34.37
C GLN B 200 -8.48 -29.34 -33.19
N SER B 201 -7.27 -28.91 -32.84
CA SER B 201 -7.06 -28.14 -31.59
C SER B 201 -7.87 -26.85 -31.54
N GLY B 202 -8.56 -26.64 -30.43
CA GLY B 202 -9.25 -25.38 -30.18
C GLY B 202 -8.32 -24.19 -29.98
N TRP B 203 -7.01 -24.43 -29.93
CA TRP B 203 -6.05 -23.32 -29.84
C TRP B 203 -5.95 -22.59 -31.17
N PHE B 204 -6.35 -23.26 -32.25
CA PHE B 204 -6.44 -22.62 -33.56
C PHE B 204 -7.85 -22.09 -33.75
N LEU B 205 -7.97 -20.80 -34.02
CA LEU B 205 -9.28 -20.17 -34.02
C LEU B 205 -10.21 -20.70 -35.13
N LYS B 206 -9.65 -21.21 -36.22
CA LYS B 206 -10.49 -21.77 -37.29
C LYS B 206 -11.29 -22.97 -36.76
N ASN B 207 -10.76 -23.65 -35.75
CA ASN B 207 -11.42 -24.82 -35.19
C ASN B 207 -12.56 -24.51 -34.21
N ALA B 208 -12.80 -23.23 -33.96
CA ALA B 208 -13.94 -22.81 -33.14
C ALA B 208 -15.27 -23.23 -33.79
N THR B 209 -15.24 -23.45 -35.10
CA THR B 209 -16.44 -23.88 -35.83
C THR B 209 -16.74 -25.38 -35.62
N ARG B 210 -15.79 -26.11 -35.04
CA ARG B 210 -15.95 -27.55 -34.82
C ARG B 210 -16.60 -27.83 -33.47
N PRO B 211 -17.48 -28.85 -33.41
CA PRO B 211 -18.00 -29.29 -32.11
C PRO B 211 -16.92 -29.97 -31.29
N ALA B 212 -16.89 -29.73 -29.98
CA ALA B 212 -15.91 -30.39 -29.12
C ALA B 212 -16.12 -31.91 -29.12
N ASN B 213 -15.01 -32.65 -29.14
CA ASN B 213 -15.07 -34.11 -29.21
C ASN B 213 -15.21 -34.72 -27.82
N ILE B 214 -16.38 -34.50 -27.22
CA ILE B 214 -16.62 -34.89 -25.85
C ILE B 214 -18.12 -35.01 -25.67
N ALA B 215 -18.58 -35.91 -24.81
CA ALA B 215 -19.99 -35.93 -24.47
C ALA B 215 -20.29 -34.63 -23.73
N GLU B 216 -21.40 -33.96 -24.06
CA GLU B 216 -21.67 -32.64 -23.52
C GLU B 216 -21.73 -32.62 -21.98
N GLU B 217 -22.30 -33.67 -21.40
CA GLU B 217 -22.39 -33.77 -19.94
C GLU B 217 -21.02 -33.82 -19.27
N ASP B 218 -19.98 -34.14 -20.04
CA ASP B 218 -18.64 -34.32 -19.49
C ASP B 218 -17.78 -33.08 -19.69
N SER B 219 -18.30 -32.06 -20.37
CA SER B 219 -17.51 -30.86 -20.66
C SER B 219 -17.38 -30.01 -19.38
N GLU B 220 -16.67 -28.89 -19.46
CA GLU B 220 -16.20 -28.22 -18.24
C GLU B 220 -17.28 -27.52 -17.41
N THR B 221 -18.18 -26.82 -18.09
CA THR B 221 -19.20 -26.09 -17.35
C THR B 221 -20.18 -27.05 -16.64
N PRO B 222 -20.67 -28.12 -17.32
CA PRO B 222 -21.50 -29.08 -16.56
C PRO B 222 -20.73 -29.77 -15.43
N TYR B 223 -19.47 -30.12 -15.67
CA TYR B 223 -18.64 -30.71 -14.62
C TYR B 223 -18.55 -29.85 -13.35
N LEU B 224 -18.22 -28.58 -13.53
CA LEU B 224 -18.00 -27.72 -12.36
C LEU B 224 -19.33 -27.47 -11.64
N THR B 225 -20.43 -27.50 -12.39
CA THR B 225 -21.75 -27.33 -11.81
C THR B 225 -22.07 -28.50 -10.89
N SER B 226 -21.76 -29.70 -11.36
CA SER B 226 -21.91 -30.90 -10.53
C SER B 226 -21.08 -30.80 -9.27
N ARG B 227 -19.85 -30.30 -9.40
CA ARG B 227 -18.97 -30.16 -8.25
CA ARG B 227 -18.96 -30.12 -8.27
C ARG B 227 -19.54 -29.17 -7.23
N ALA B 228 -20.16 -28.10 -7.72
CA ALA B 228 -20.78 -27.12 -6.82
C ALA B 228 -21.90 -27.78 -6.00
N MET B 229 -22.70 -28.62 -6.66
CA MET B 229 -23.78 -29.28 -5.95
C MET B 229 -23.25 -30.25 -4.91
N GLU B 230 -22.14 -30.91 -5.22
CA GLU B 230 -21.51 -31.80 -4.26
C GLU B 230 -20.99 -31.04 -3.05
N PHE B 231 -20.39 -29.86 -3.28
CA PHE B 231 -19.95 -29.04 -2.16
C PHE B 231 -21.13 -28.65 -1.27
N ILE B 232 -22.18 -28.13 -1.91
CA ILE B 232 -23.33 -27.59 -1.19
C ILE B 232 -24.03 -28.67 -0.37
N GLU B 233 -24.10 -29.88 -0.91
CA GLU B 233 -24.75 -30.99 -0.21
C GLU B 233 -24.02 -31.34 1.09
N GLN B 234 -22.69 -31.18 1.08
CA GLN B 234 -21.87 -31.62 2.21
C GLN B 234 -21.62 -30.56 3.28
N GLN B 235 -21.71 -29.29 2.91
CA GLN B 235 -21.20 -28.24 3.79
C GLN B 235 -22.22 -27.73 4.80
N THR B 236 -21.91 -27.91 6.09
CA THR B 236 -22.72 -27.40 7.20
C THR B 236 -22.38 -25.93 7.48
N GLY B 237 -23.14 -25.31 8.38
CA GLY B 237 -22.91 -23.95 8.82
C GLY B 237 -23.08 -22.94 7.70
N PRO B 238 -22.98 -21.64 8.03
CA PRO B 238 -23.03 -20.62 6.99
C PRO B 238 -21.80 -20.71 6.09
N TRP B 239 -21.97 -20.62 4.78
CA TRP B 239 -20.83 -20.64 3.88
C TRP B 239 -20.99 -19.62 2.77
N CYS B 240 -19.85 -19.19 2.24
CA CYS B 240 -19.79 -18.50 0.96
C CYS B 240 -19.02 -19.42 0.02
N CYS B 241 -19.64 -19.75 -1.12
CA CYS B 241 -18.99 -20.60 -2.12
C CYS B 241 -18.74 -19.79 -3.38
N HIS B 242 -17.46 -19.59 -3.71
CA HIS B 242 -17.10 -18.95 -4.95
C HIS B 242 -17.12 -20.02 -6.04
N LEU B 243 -18.18 -20.02 -6.84
CA LEU B 243 -18.30 -20.94 -7.96
C LEU B 243 -17.81 -20.21 -9.21
N SER B 244 -16.63 -20.59 -9.68
CA SER B 244 -15.87 -19.75 -10.60
C SER B 244 -15.48 -20.50 -11.89
N TYR B 245 -16.27 -20.29 -12.93
CA TYR B 245 -16.18 -21.00 -14.22
C TYR B 245 -15.14 -20.39 -15.13
N ILE B 246 -14.49 -21.21 -15.95
CA ILE B 246 -13.53 -20.67 -16.92
C ILE B 246 -14.25 -20.21 -18.20
N LYS B 247 -15.25 -20.95 -18.68
CA LYS B 247 -15.94 -20.50 -19.88
C LYS B 247 -16.77 -19.24 -19.59
N PRO B 248 -16.96 -18.37 -20.59
CA PRO B 248 -16.62 -18.46 -22.02
C PRO B 248 -15.19 -18.03 -22.41
N HIS B 249 -14.25 -17.94 -21.47
CA HIS B 249 -12.81 -17.80 -21.76
C HIS B 249 -12.36 -18.90 -22.74
N TRP B 250 -11.36 -18.59 -23.56
CA TRP B 250 -10.81 -19.55 -24.52
C TRP B 250 -10.13 -20.75 -23.86
N PRO B 251 -9.95 -21.88 -24.60
CA PRO B 251 -10.28 -22.10 -26.03
C PRO B 251 -11.76 -21.91 -26.36
N TYR B 252 -12.02 -21.22 -27.47
CA TYR B 252 -13.37 -20.95 -27.92
C TYR B 252 -13.93 -22.16 -28.69
N ILE B 253 -14.48 -23.12 -27.95
CA ILE B 253 -15.00 -24.33 -28.58
C ILE B 253 -15.99 -24.99 -27.60
N VAL B 254 -17.05 -25.59 -28.12
CA VAL B 254 -18.15 -26.05 -27.26
C VAL B 254 -18.75 -27.34 -27.86
N PRO B 255 -19.29 -28.25 -27.02
CA PRO B 255 -19.95 -29.45 -27.57
C PRO B 255 -21.29 -29.16 -28.22
N GLU B 256 -21.81 -30.14 -28.95
CA GLU B 256 -23.21 -30.14 -29.35
C GLU B 256 -24.07 -30.22 -28.09
N PRO B 257 -25.29 -29.67 -28.12
CA PRO B 257 -25.96 -29.01 -29.26
C PRO B 257 -25.57 -27.55 -29.43
N TYR B 258 -24.70 -27.03 -28.58
CA TYR B 258 -24.38 -25.60 -28.61
C TYR B 258 -23.54 -25.25 -29.84
N ALA B 259 -22.72 -26.19 -30.29
CA ALA B 259 -21.90 -25.95 -31.46
C ALA B 259 -22.73 -25.62 -32.70
N SER B 260 -23.86 -26.31 -32.91
CA SER B 260 -24.63 -26.13 -34.14
C SER B 260 -25.72 -25.07 -34.01
N MET B 261 -25.89 -24.54 -32.81
CA MET B 261 -27.00 -23.68 -32.45
C MET B 261 -26.87 -22.26 -33.00
N PHE B 262 -25.62 -21.81 -33.19
CA PHE B 262 -25.37 -20.46 -33.68
C PHE B 262 -24.44 -20.44 -34.88
N GLY B 263 -24.62 -19.45 -35.75
CA GLY B 263 -23.71 -19.21 -36.86
C GLY B 263 -23.44 -17.72 -37.03
N PRO B 264 -22.69 -17.35 -38.09
CA PRO B 264 -22.40 -15.93 -38.31
C PRO B 264 -23.64 -15.07 -38.48
N GLU B 265 -24.77 -15.68 -38.87
CA GLU B 265 -26.00 -14.93 -39.05
C GLU B 265 -26.57 -14.43 -37.71
N HIS B 266 -26.10 -15.01 -36.60
CA HIS B 266 -26.57 -14.60 -35.28
C HIS B 266 -25.66 -13.58 -34.57
N VAL B 267 -24.49 -13.29 -35.15
CA VAL B 267 -23.50 -12.42 -34.53
C VAL B 267 -23.90 -10.93 -34.63
N GLN B 268 -23.92 -10.22 -33.51
CA GLN B 268 -24.22 -8.78 -33.55
C GLN B 268 -23.09 -8.04 -34.26
N ASP B 269 -23.39 -6.86 -34.81
CA ASP B 269 -22.40 -6.12 -35.59
C ASP B 269 -21.18 -5.78 -34.74
N VAL B 270 -19.99 -5.88 -35.32
CA VAL B 270 -18.78 -5.45 -34.63
C VAL B 270 -18.86 -3.95 -34.37
N VAL B 271 -18.40 -3.53 -33.19
CA VAL B 271 -18.44 -2.11 -32.84
C VAL B 271 -17.06 -1.48 -33.05
N ARG B 272 -16.92 -0.79 -34.17
CA ARG B 272 -15.65 -0.16 -34.57
C ARG B 272 -15.94 0.83 -35.69
N SER B 273 -14.97 1.67 -36.02
CA SER B 273 -15.12 2.56 -37.17
C SER B 273 -13.74 2.85 -37.77
N ASP B 274 -13.70 3.18 -39.05
CA ASP B 274 -12.42 3.51 -39.67
C ASP B 274 -11.77 4.72 -39.03
N SER B 275 -12.58 5.73 -38.71
CA SER B 275 -12.05 6.96 -38.12
C SER B 275 -11.35 6.66 -36.80
N GLU B 276 -11.97 5.79 -36.01
CA GLU B 276 -11.42 5.36 -34.73
C GLU B 276 -9.99 4.83 -34.87
N ARG B 277 -9.74 4.02 -35.90
CA ARG B 277 -8.41 3.47 -36.11
C ARG B 277 -7.47 4.52 -36.70
N GLN B 278 -7.98 5.31 -37.65
CA GLN B 278 -7.20 6.38 -38.28
C GLN B 278 -6.67 7.35 -37.25
N ASN B 279 -7.51 7.72 -36.29
CA ASN B 279 -7.18 8.75 -35.32
C ASN B 279 -6.76 8.20 -33.97
N ALA B 280 -6.42 6.93 -33.93
CA ALA B 280 -6.07 6.26 -32.67
C ALA B 280 -4.86 6.90 -31.97
N HIS B 281 -5.08 7.24 -30.71
CA HIS B 281 -4.01 7.57 -29.78
C HIS B 281 -2.89 6.52 -29.89
N PRO B 282 -1.61 6.94 -29.92
CA PRO B 282 -0.51 6.00 -30.14
C PRO B 282 -0.52 4.77 -29.22
N LEU B 283 -0.93 4.92 -27.97
CA LEU B 283 -0.99 3.77 -27.08
C LEU B 283 -2.23 2.89 -27.35
N PHE B 284 -3.30 3.49 -27.85
CA PHE B 284 -4.49 2.73 -28.28
C PHE B 284 -4.09 1.92 -29.51
N LYS B 285 -3.44 2.56 -30.47
CA LYS B 285 -2.99 1.88 -31.68
C LYS B 285 -2.11 0.69 -31.36
N ALA B 286 -1.29 0.83 -30.32
CA ALA B 286 -0.36 -0.22 -29.91
C ALA B 286 -1.09 -1.52 -29.60
N PHE B 287 -2.27 -1.41 -28.98
CA PHE B 287 -3.05 -2.59 -28.62
C PHE B 287 -3.82 -3.14 -29.83
N MET B 288 -4.06 -2.30 -30.82
CA MET B 288 -4.62 -2.78 -32.10
C MET B 288 -3.59 -3.54 -32.92
N ASP B 289 -2.35 -3.06 -32.90
CA ASP B 289 -1.25 -3.62 -33.68
C ASP B 289 -0.61 -4.83 -33.00
N THR B 290 -1.44 -5.81 -32.69
CA THR B 290 -1.00 -7.05 -32.08
C THR B 290 -1.55 -8.20 -32.91
N LYS B 291 -0.96 -9.38 -32.76
CA LYS B 291 -1.48 -10.58 -33.43
C LYS B 291 -2.97 -10.76 -33.17
N VAL B 292 -3.38 -10.61 -31.92
CA VAL B 292 -4.78 -10.87 -31.54
C VAL B 292 -5.70 -9.79 -32.11
N GLY B 293 -5.23 -8.54 -32.08
CA GLY B 293 -6.02 -7.45 -32.61
C GLY B 293 -6.28 -7.60 -34.09
N GLU B 294 -5.22 -7.92 -34.84
CA GLU B 294 -5.34 -8.04 -36.28
C GLU B 294 -6.14 -9.28 -36.65
N ALA B 295 -6.02 -10.32 -35.83
CA ALA B 295 -6.79 -11.54 -36.03
C ALA B 295 -8.29 -11.28 -35.90
N PHE B 296 -8.70 -10.64 -34.81
CA PHE B 296 -10.11 -10.46 -34.55
C PHE B 296 -10.71 -9.35 -35.40
N SER B 297 -9.87 -8.64 -36.13
CA SER B 297 -10.35 -7.65 -37.10
C SER B 297 -10.74 -8.31 -38.43
N ARG B 298 -10.39 -9.59 -38.58
CA ARG B 298 -10.72 -10.37 -39.76
C ARG B 298 -12.10 -11.00 -39.64
N GLN B 299 -12.94 -10.83 -40.65
CA GLN B 299 -14.30 -11.38 -40.63
C GLN B 299 -14.33 -12.89 -40.37
N GLU B 300 -13.41 -13.63 -40.99
CA GLU B 300 -13.40 -15.09 -40.86
C GLU B 300 -13.09 -15.52 -39.43
N VAL B 301 -12.33 -14.72 -38.70
CA VAL B 301 -12.03 -15.06 -37.32
C VAL B 301 -13.27 -14.84 -36.45
N ARG B 302 -13.93 -13.69 -36.60
CA ARG B 302 -15.15 -13.42 -35.83
C ARG B 302 -16.27 -14.41 -36.20
N ASP B 303 -16.31 -14.78 -37.47
CA ASP B 303 -17.33 -15.71 -37.96
C ASP B 303 -17.19 -17.07 -37.30
N ALA B 304 -15.96 -17.46 -36.99
CA ALA B 304 -15.69 -18.74 -36.34
C ALA B 304 -15.85 -18.66 -34.81
N VAL B 305 -15.19 -17.68 -34.21
CA VAL B 305 -15.11 -17.59 -32.74
C VAL B 305 -16.42 -17.17 -32.05
N ILE B 306 -17.07 -16.12 -32.53
CA ILE B 306 -18.19 -15.58 -31.78
C ILE B 306 -19.41 -16.55 -31.67
N PRO B 307 -19.73 -17.31 -32.74
CA PRO B 307 -20.85 -18.25 -32.50
C PRO B 307 -20.50 -19.31 -31.46
N ALA B 308 -19.22 -19.67 -31.35
CA ALA B 308 -18.77 -20.60 -30.32
C ALA B 308 -18.83 -19.97 -28.94
N TYR B 309 -18.36 -18.72 -28.84
CA TYR B 309 -18.50 -17.93 -27.62
C TYR B 309 -19.96 -17.88 -27.16
N MET B 310 -20.88 -17.67 -28.11
CA MET B 310 -22.30 -17.64 -27.80
C MET B 310 -22.80 -18.99 -27.30
N GLY B 311 -22.34 -20.06 -27.93
CA GLY B 311 -22.68 -21.41 -27.52
C GLY B 311 -22.23 -21.72 -26.11
N LEU B 312 -21.04 -21.27 -25.75
CA LEU B 312 -20.50 -21.44 -24.39
C LEU B 312 -21.40 -20.75 -23.36
N ILE B 313 -21.84 -19.55 -23.69
CA ILE B 313 -22.71 -18.82 -22.79
C ILE B 313 -24.10 -19.47 -22.68
N LYS B 314 -24.65 -19.94 -23.80
CA LYS B 314 -25.93 -20.64 -23.77
C LYS B 314 -25.81 -21.90 -22.91
N GLN B 315 -24.69 -22.61 -23.03
CA GLN B 315 -24.47 -23.78 -22.19
C GLN B 315 -24.42 -23.39 -20.72
N ALA B 316 -23.75 -22.27 -20.41
CA ALA B 316 -23.74 -21.75 -19.04
C ALA B 316 -25.15 -21.51 -18.54
N ASP B 317 -25.97 -20.85 -19.34
CA ASP B 317 -27.36 -20.59 -18.94
C ASP B 317 -28.15 -21.87 -18.64
N ASP B 318 -27.96 -22.89 -19.46
CA ASP B 318 -28.63 -24.17 -19.21
C ASP B 318 -28.16 -24.79 -17.91
N GLN B 319 -26.87 -24.65 -17.60
CA GLN B 319 -26.36 -25.18 -16.34
C GLN B 319 -26.82 -24.36 -15.14
N MET B 320 -27.02 -23.06 -15.31
CA MET B 320 -27.60 -22.26 -14.23
C MET B 320 -29.06 -22.69 -14.01
N GLY B 321 -29.77 -22.98 -15.08
CA GLY B 321 -31.11 -23.53 -14.95
C GLY B 321 -31.11 -24.79 -14.10
N ARG B 322 -30.19 -25.69 -14.42
CA ARG B 322 -30.01 -26.93 -13.68
C ARG B 322 -29.71 -26.70 -12.21
N LEU B 323 -28.73 -25.84 -11.94
CA LEU B 323 -28.33 -25.54 -10.59
C LEU B 323 -29.47 -24.90 -9.78
N PHE B 324 -30.10 -23.89 -10.35
CA PHE B 324 -31.15 -23.16 -9.64
C PHE B 324 -32.38 -24.04 -9.38
N LYS B 325 -32.67 -24.92 -10.34
CA LYS B 325 -33.78 -25.86 -10.17
C LYS B 325 -33.50 -26.77 -8.98
N TRP B 326 -32.25 -27.22 -8.87
CA TRP B 326 -31.84 -28.08 -7.76
C TRP B 326 -31.89 -27.37 -6.40
N LEU B 327 -31.47 -26.11 -6.35
CA LEU B 327 -31.57 -25.34 -5.12
C LEU B 327 -33.04 -25.19 -4.71
N GLU B 328 -33.90 -24.97 -5.71
CA GLU B 328 -35.35 -24.86 -5.48
C GLU B 328 -35.94 -26.17 -4.98
N ASP B 329 -35.63 -27.27 -5.67
CA ASP B 329 -36.17 -28.58 -5.31
C ASP B 329 -35.70 -29.05 -3.93
N THR B 330 -34.49 -28.66 -3.54
CA THR B 330 -33.93 -29.10 -2.26
C THR B 330 -34.18 -28.05 -1.18
N GLY B 331 -35.02 -27.07 -1.50
CA GLY B 331 -35.43 -26.05 -0.54
C GLY B 331 -34.36 -25.07 -0.11
N ARG B 332 -33.28 -24.96 -0.88
CA ARG B 332 -32.13 -24.13 -0.51
C ARG B 332 -32.22 -22.71 -1.07
N MET B 333 -33.13 -22.52 -2.02
CA MET B 333 -33.27 -21.25 -2.72
C MET B 333 -33.64 -20.10 -1.77
N GLN B 334 -34.42 -20.42 -0.74
CA GLN B 334 -34.90 -19.39 0.18
C GLN B 334 -33.86 -18.97 1.22
N ASP B 335 -32.73 -19.69 1.25
CA ASP B 335 -31.66 -19.39 2.20
C ASP B 335 -30.32 -19.17 1.52
N THR B 336 -30.35 -18.94 0.22
CA THR B 336 -29.10 -18.71 -0.51
C THR B 336 -29.11 -17.42 -1.31
N MET B 337 -28.28 -16.46 -0.89
CA MET B 337 -28.01 -15.30 -1.73
C MET B 337 -27.23 -15.77 -2.95
N ILE B 338 -27.62 -15.32 -4.13
CA ILE B 338 -26.89 -15.68 -5.33
C ILE B 338 -26.40 -14.42 -6.02
N VAL B 339 -25.11 -14.40 -6.33
CA VAL B 339 -24.50 -13.33 -7.11
C VAL B 339 -24.01 -13.91 -8.43
N LEU B 340 -24.26 -13.23 -9.54
CA LEU B 340 -23.73 -13.70 -10.82
C LEU B 340 -22.99 -12.58 -11.54
N THR B 341 -21.73 -12.83 -11.89
CA THR B 341 -20.94 -11.77 -12.49
C THR B 341 -19.80 -12.34 -13.35
N SER B 342 -18.88 -11.45 -13.76
CA SER B 342 -17.78 -11.75 -14.68
C SER B 342 -16.54 -11.00 -14.20
N ASP B 343 -15.36 -11.49 -14.55
CA ASP B 343 -14.11 -10.78 -14.16
C ASP B 343 -13.70 -9.71 -15.16
N HIS B 344 -14.30 -9.74 -16.36
CA HIS B 344 -14.08 -8.78 -17.46
C HIS B 344 -14.74 -9.31 -18.74
N GLY B 345 -14.94 -8.44 -19.73
CA GLY B 345 -15.45 -8.89 -21.03
C GLY B 345 -14.39 -9.38 -22.02
N ASP B 346 -14.67 -9.18 -23.30
CA ASP B 346 -13.85 -9.66 -24.41
C ASP B 346 -14.20 -8.73 -25.57
N PHE B 347 -13.20 -8.17 -26.24
CA PHE B 347 -13.51 -7.20 -27.30
C PHE B 347 -14.12 -7.88 -28.52
N LEU B 348 -13.67 -9.11 -28.78
CA LEU B 348 -14.15 -9.91 -29.92
C LEU B 348 -14.08 -9.15 -31.25
N GLY B 349 -13.12 -8.24 -31.36
CA GLY B 349 -12.95 -7.46 -32.57
C GLY B 349 -13.44 -6.03 -32.47
N ASP B 350 -14.31 -5.76 -31.50
CA ASP B 350 -14.74 -4.39 -31.21
C ASP B 350 -13.52 -3.51 -31.05
N HIS B 351 -13.57 -2.28 -31.57
CA HIS B 351 -12.50 -1.30 -31.40
C HIS B 351 -11.16 -1.77 -31.95
N TRP B 352 -11.21 -2.68 -32.94
CA TRP B 352 -10.02 -3.19 -33.62
C TRP B 352 -9.11 -3.94 -32.66
N MET B 353 -9.70 -4.51 -31.61
CA MET B 353 -8.91 -5.25 -30.65
C MET B 353 -9.49 -6.63 -30.39
N GLY B 354 -8.62 -7.53 -29.95
CA GLY B 354 -9.06 -8.81 -29.41
C GLY B 354 -8.70 -8.85 -27.94
N GLU B 355 -8.93 -10.00 -27.30
CA GLU B 355 -8.71 -10.14 -25.86
C GLU B 355 -9.47 -9.06 -25.09
N LYS B 356 -8.86 -8.47 -24.07
CA LYS B 356 -9.65 -7.66 -23.16
C LYS B 356 -8.89 -6.51 -22.51
N THR B 357 -7.66 -6.28 -22.95
CA THR B 357 -6.74 -5.52 -22.14
C THR B 357 -6.77 -4.01 -22.49
N PHE B 358 -7.95 -3.41 -22.36
CA PHE B 358 -8.14 -1.97 -22.52
C PHE B 358 -9.43 -1.54 -21.84
N PHE B 359 -9.79 -0.27 -21.94
CA PHE B 359 -10.76 0.29 -21.01
C PHE B 359 -12.20 0.50 -21.51
N HIS B 360 -12.48 0.27 -22.80
CA HIS B 360 -13.86 0.41 -23.29
C HIS B 360 -14.80 -0.51 -22.50
N ASP B 361 -16.06 -0.12 -22.41
CA ASP B 361 -17.08 -0.90 -21.70
C ASP B 361 -17.15 -2.36 -22.12
N ALA B 362 -16.88 -2.65 -23.40
CA ALA B 362 -16.90 -4.02 -23.88
C ALA B 362 -16.03 -4.95 -23.03
N SER B 363 -14.99 -4.39 -22.41
CA SER B 363 -14.19 -5.17 -21.46
C SER B 363 -14.47 -4.81 -19.99
N THR B 364 -14.60 -3.53 -19.66
CA THR B 364 -14.58 -3.15 -18.24
C THR B 364 -15.94 -3.13 -17.55
N ARG B 365 -17.02 -3.00 -18.32
CA ARG B 365 -18.36 -3.11 -17.73
C ARG B 365 -18.76 -4.58 -17.75
N VAL B 366 -19.21 -5.10 -16.61
CA VAL B 366 -19.53 -6.50 -16.48
C VAL B 366 -20.99 -6.69 -16.08
N PRO B 367 -21.57 -7.84 -16.43
CA PRO B 367 -22.90 -8.13 -15.90
C PRO B 367 -22.81 -8.40 -14.41
N LEU B 368 -23.80 -7.95 -13.64
CA LEU B 368 -23.83 -8.22 -12.22
C LEU B 368 -25.29 -8.36 -11.80
N ILE B 369 -25.66 -9.55 -11.33
CA ILE B 369 -27.02 -9.79 -10.84
C ILE B 369 -26.95 -10.30 -9.41
N ILE B 370 -27.75 -9.73 -8.52
CA ILE B 370 -27.74 -10.16 -7.13
C ILE B 370 -29.15 -10.52 -6.67
N TYR B 371 -29.29 -11.75 -6.19
CA TYR B 371 -30.55 -12.23 -5.63
C TYR B 371 -30.40 -12.44 -4.13
N ASP B 372 -31.15 -11.66 -3.36
CA ASP B 372 -31.20 -11.76 -1.90
C ASP B 372 -32.57 -12.34 -1.56
N PRO B 373 -32.61 -13.55 -0.98
CA PRO B 373 -33.87 -14.26 -0.74
C PRO B 373 -34.70 -13.67 0.40
N ARG B 374 -34.09 -12.80 1.20
CA ARG B 374 -34.77 -12.26 2.38
C ARG B 374 -35.88 -11.28 2.02
N PRO B 375 -36.92 -11.19 2.87
CA PRO B 375 -38.06 -10.31 2.58
C PRO B 375 -37.69 -8.82 2.46
N GLU B 376 -36.62 -8.36 3.08
CA GLU B 376 -36.27 -6.95 2.99
C GLU B 376 -35.83 -6.59 1.57
N ALA B 377 -35.55 -7.60 0.74
CA ALA B 377 -35.22 -7.34 -0.65
C ALA B 377 -36.42 -7.48 -1.58
N ASP B 378 -37.61 -7.68 -1.04
CA ASP B 378 -38.78 -7.89 -1.91
C ASP B 378 -39.10 -6.66 -2.76
N ALA B 379 -38.95 -5.48 -2.18
CA ALA B 379 -39.34 -4.25 -2.87
C ALA B 379 -38.57 -4.00 -4.17
N THR B 380 -37.37 -4.56 -4.29
CA THR B 380 -36.51 -4.26 -5.44
C THR B 380 -36.42 -5.37 -6.49
N ARG B 381 -37.13 -6.48 -6.28
CA ARG B 381 -37.07 -7.59 -7.22
C ARG B 381 -37.51 -7.19 -8.63
N GLY B 382 -36.69 -7.50 -9.61
CA GLY B 382 -36.96 -7.15 -10.99
C GLY B 382 -36.53 -5.75 -11.39
N SER B 383 -35.86 -5.04 -10.48
CA SER B 383 -35.44 -3.68 -10.79
C SER B 383 -34.08 -3.66 -11.46
N VAL B 384 -33.75 -2.51 -12.05
CA VAL B 384 -32.49 -2.30 -12.71
C VAL B 384 -31.80 -1.11 -12.05
N CYS B 385 -30.62 -1.33 -11.51
CA CYS B 385 -29.88 -0.26 -10.85
C CYS B 385 -28.83 0.31 -11.81
N ASP B 386 -28.96 1.60 -12.12
CA ASP B 386 -28.07 2.28 -13.05
C ASP B 386 -26.95 3.06 -12.35
N ALA B 387 -26.76 2.83 -11.05
CA ALA B 387 -25.75 3.55 -10.29
C ALA B 387 -24.34 3.02 -10.52
N LEU B 388 -23.34 3.86 -10.30
CA LEU B 388 -21.95 3.46 -10.46
C LEU B 388 -21.58 2.41 -9.41
N VAL B 389 -21.15 1.25 -9.89
CA VAL B 389 -20.89 0.09 -9.05
C VAL B 389 -19.54 -0.50 -9.46
N GLU B 390 -18.80 -0.99 -8.47
CA GLU B 390 -17.48 -1.55 -8.73
C GLU B 390 -17.46 -2.99 -8.24
N SER B 391 -16.66 -3.84 -8.87
CA SER B 391 -16.57 -5.23 -8.42
C SER B 391 -16.06 -5.32 -6.98
N ILE B 392 -15.30 -4.31 -6.53
CA ILE B 392 -14.81 -4.34 -5.14
C ILE B 392 -15.95 -4.13 -4.12
N ASP B 393 -17.14 -3.82 -4.60
CA ASP B 393 -18.31 -3.69 -3.72
C ASP B 393 -18.80 -5.05 -3.21
N LEU B 394 -18.43 -6.13 -3.87
CA LEU B 394 -18.93 -7.45 -3.48
C LEU B 394 -18.48 -7.88 -2.08
N ALA B 395 -17.20 -7.66 -1.75
CA ALA B 395 -16.70 -8.04 -0.43
C ALA B 395 -17.49 -7.39 0.73
N PRO B 396 -17.65 -6.05 0.74
CA PRO B 396 -18.44 -5.52 1.87
C PRO B 396 -19.92 -5.92 1.81
N THR B 397 -20.46 -6.11 0.61
CA THR B 397 -21.84 -6.59 0.47
C THR B 397 -21.97 -7.95 1.16
N PHE B 398 -21.03 -8.85 0.90
CA PHE B 398 -21.07 -10.19 1.50
C PHE B 398 -20.96 -10.12 3.03
N VAL B 399 -20.06 -9.27 3.53
CA VAL B 399 -19.88 -9.15 4.98
C VAL B 399 -21.18 -8.71 5.65
N GLU B 400 -21.83 -7.69 5.10
CA GLU B 400 -23.10 -7.22 5.63
C GLU B 400 -24.16 -8.32 5.51
N ALA B 401 -24.20 -8.98 4.35
CA ALA B 401 -25.12 -10.10 4.15
C ALA B 401 -24.95 -11.18 5.23
N ALA B 402 -23.71 -11.43 5.62
CA ALA B 402 -23.41 -12.47 6.60
C ALA B 402 -23.69 -12.02 8.03
N GLY B 403 -24.13 -10.77 8.18
CA GLY B 403 -24.44 -10.21 9.49
C GLY B 403 -23.28 -9.51 10.17
N GLY B 404 -22.20 -9.27 9.43
CA GLY B 404 -21.03 -8.61 10.00
C GLY B 404 -21.02 -7.12 9.74
N LYS B 405 -20.03 -6.44 10.29
CA LYS B 405 -19.81 -5.02 10.01
C LYS B 405 -18.58 -4.86 9.14
N PRO B 406 -18.76 -4.41 7.89
CA PRO B 406 -17.65 -4.27 6.95
C PRO B 406 -16.60 -3.30 7.49
N ALA B 407 -15.34 -3.71 7.47
CA ALA B 407 -14.24 -2.89 7.96
C ALA B 407 -13.81 -1.94 6.87
N MET B 408 -14.37 -0.72 6.90
CA MET B 408 -14.27 0.16 5.75
C MET B 408 -12.96 0.97 5.72
N HIS B 409 -12.11 0.73 6.72
CA HIS B 409 -10.74 1.24 6.69
C HIS B 409 -9.82 0.26 5.93
N ILE B 410 -10.37 -0.88 5.53
CA ILE B 410 -9.61 -1.87 4.78
C ILE B 410 -10.27 -2.07 3.41
N LEU B 411 -11.56 -2.41 3.46
CA LEU B 411 -12.37 -2.56 2.25
C LEU B 411 -12.68 -1.20 1.65
N GLU B 412 -12.40 -1.02 0.36
CA GLU B 412 -12.48 0.32 -0.23
C GLU B 412 -13.77 0.62 -0.99
N GLY B 413 -14.61 -0.38 -1.17
CA GLY B 413 -15.83 -0.21 -1.94
C GLY B 413 -16.96 0.20 -1.04
N GLU B 414 -18.19 -0.19 -1.40
CA GLU B 414 -19.33 0.03 -0.53
C GLU B 414 -20.32 -1.11 -0.64
N SER B 415 -20.92 -1.45 0.49
CA SER B 415 -21.96 -2.48 0.51
C SER B 415 -23.14 -2.06 -0.36
N LEU B 416 -23.67 -3.02 -1.11
CA LEU B 416 -24.83 -2.78 -1.96
C LEU B 416 -26.14 -3.18 -1.27
N ILE B 417 -26.04 -3.64 -0.03
CA ILE B 417 -27.25 -4.05 0.70
C ILE B 417 -28.31 -2.93 0.80
N PRO B 418 -27.90 -1.65 1.03
CA PRO B 418 -28.95 -0.62 1.05
C PRO B 418 -29.72 -0.48 -0.25
N ILE B 419 -29.07 -0.75 -1.37
CA ILE B 419 -29.73 -0.73 -2.66
C ILE B 419 -30.67 -1.91 -2.78
N LEU B 420 -30.19 -3.09 -2.39
CA LEU B 420 -31.01 -4.31 -2.46
C LEU B 420 -32.25 -4.20 -1.59
N HIS B 421 -32.10 -3.51 -0.46
CA HIS B 421 -33.20 -3.46 0.51
C HIS B 421 -34.04 -2.20 0.36
N GLY B 422 -33.80 -1.45 -0.71
CA GLY B 422 -34.62 -0.30 -1.04
C GLY B 422 -34.46 0.94 -0.16
N ALA B 423 -33.32 1.05 0.52
CA ALA B 423 -33.06 2.23 1.34
C ALA B 423 -32.70 3.42 0.45
N ARG B 424 -32.01 3.12 -0.66
CA ARG B 424 -31.75 4.10 -1.71
C ARG B 424 -31.55 3.32 -3.00
N ASP B 425 -31.57 3.98 -4.14
CA ASP B 425 -31.44 3.26 -5.41
C ASP B 425 -30.10 3.53 -6.08
N HIS B 426 -29.18 4.11 -5.32
CA HIS B 426 -27.90 4.56 -5.85
C HIS B 426 -26.76 4.33 -4.85
N THR B 427 -25.56 4.17 -5.39
CA THR B 427 -24.35 4.14 -4.57
C THR B 427 -23.95 5.56 -4.18
N LEU B 428 -22.92 5.70 -3.37
CA LEU B 428 -22.49 7.02 -2.88
C LEU B 428 -21.36 7.64 -3.74
N ARG B 429 -20.54 6.80 -4.37
CA ARG B 429 -19.43 7.27 -5.21
C ARG B 429 -19.87 8.14 -6.38
N ASP B 430 -18.97 9.01 -6.85
CA ASP B 430 -19.29 9.84 -8.02
C ASP B 430 -18.44 9.47 -9.23
N HIS B 431 -17.67 8.39 -9.10
CA HIS B 431 -16.84 7.91 -10.20
C HIS B 431 -16.36 6.49 -9.91
N VAL B 432 -16.03 5.75 -10.96
CA VAL B 432 -15.40 4.45 -10.81
C VAL B 432 -13.95 4.54 -11.31
N ILE B 433 -13.16 3.55 -10.91
CA ILE B 433 -11.74 3.49 -11.26
C ILE B 433 -11.42 2.13 -11.84
N CYS B 434 -10.67 2.13 -12.93
CA CYS B 434 -10.05 0.91 -13.43
C CYS B 434 -8.55 1.19 -13.69
N GLU B 435 -7.71 0.18 -13.54
CA GLU B 435 -6.26 0.32 -13.75
C GLU B 435 -5.70 -0.80 -14.61
N TYR B 436 -4.65 -0.50 -15.38
CA TYR B 436 -4.00 -1.56 -16.12
C TYR B 436 -2.48 -1.35 -16.16
N ASP B 437 -1.76 -2.34 -15.65
CA ASP B 437 -0.31 -2.32 -15.58
C ASP B 437 0.19 -3.31 -16.62
N PHE B 438 0.83 -2.82 -17.68
CA PHE B 438 1.31 -3.72 -18.71
C PHE B 438 2.83 -3.81 -18.72
N SER B 439 3.46 -3.59 -17.57
CA SER B 439 4.91 -3.66 -17.46
C SER B 439 5.45 -5.07 -17.66
N ALA B 440 4.60 -6.07 -17.44
CA ALA B 440 5.01 -7.47 -17.57
C ALA B 440 4.46 -8.11 -18.85
N SER B 441 3.89 -7.30 -19.71
CA SER B 441 3.15 -7.86 -20.84
C SER B 441 4.01 -7.87 -22.09
N PRO B 442 3.71 -8.80 -23.01
CA PRO B 442 4.43 -8.83 -24.28
C PRO B 442 4.37 -7.49 -25.01
N ILE B 443 3.34 -6.69 -24.75
CA ILE B 443 3.19 -5.45 -25.51
C ILE B 443 4.20 -4.36 -25.10
N ALA B 444 4.64 -4.36 -23.84
CA ALA B 444 5.66 -3.42 -23.42
C ALA B 444 7.00 -3.85 -23.99
N HIS B 445 7.17 -5.17 -24.13
CA HIS B 445 8.33 -5.76 -24.78
C HIS B 445 8.55 -5.13 -26.17
N LEU B 446 7.49 -5.11 -26.97
CA LEU B 446 7.53 -4.66 -28.37
C LEU B 446 7.73 -3.16 -28.56
N ASN B 447 7.04 -2.36 -27.75
CA ASN B 447 7.13 -0.90 -27.87
C ASN B 447 8.19 -0.33 -26.94
N ASP B 448 8.99 -1.24 -26.36
CA ASP B 448 9.85 -1.01 -25.18
C ASP B 448 9.54 0.27 -24.39
N ILE B 449 8.43 0.23 -23.66
CA ILE B 449 8.09 1.24 -22.67
C ILE B 449 8.72 0.79 -21.36
N SER B 450 9.25 1.72 -20.57
CA SER B 450 9.85 1.36 -19.28
C SER B 450 8.81 0.78 -18.34
N VAL B 451 9.24 0.01 -17.35
CA VAL B 451 8.31 -0.56 -16.38
C VAL B 451 7.53 0.56 -15.67
N ARG B 452 8.21 1.64 -15.27
CA ARG B 452 7.52 2.70 -14.55
C ARG B 452 6.50 3.43 -15.43
N GLN B 453 6.70 3.43 -16.73
CA GLN B 453 5.80 4.13 -17.65
C GLN B 453 4.72 3.24 -18.23
N ALA B 454 4.82 1.94 -17.99
CA ALA B 454 3.90 0.98 -18.59
C ALA B 454 2.63 0.78 -17.76
N VAL B 455 1.95 1.87 -17.43
CA VAL B 455 0.72 1.80 -16.66
C VAL B 455 -0.29 2.83 -17.15
N MET B 456 -1.57 2.51 -17.03
CA MET B 456 -2.63 3.43 -17.41
C MET B 456 -3.75 3.41 -16.38
N PHE B 457 -4.49 4.50 -16.29
CA PHE B 457 -5.58 4.64 -15.32
C PHE B 457 -6.84 5.02 -16.05
N MET B 458 -7.98 4.57 -15.53
CA MET B 458 -9.29 4.96 -16.05
C MET B 458 -10.14 5.56 -14.94
N VAL B 459 -10.78 6.69 -15.22
CA VAL B 459 -11.77 7.20 -14.30
C VAL B 459 -13.04 7.53 -15.10
N ALA B 460 -14.20 7.14 -14.58
CA ALA B 460 -15.44 7.33 -15.32
C ALA B 460 -16.61 7.63 -14.40
N ASP B 461 -17.54 8.44 -14.88
CA ASP B 461 -18.84 8.54 -14.23
C ASP B 461 -19.90 8.23 -15.30
N LYS B 462 -21.12 8.76 -15.14
CA LYS B 462 -22.16 8.44 -16.10
C LYS B 462 -21.97 9.22 -17.40
N ASN B 463 -21.21 10.31 -17.34
CA ASN B 463 -21.07 11.20 -18.50
C ASN B 463 -19.75 11.07 -19.27
N TRP B 464 -18.66 10.82 -18.57
CA TRP B 464 -17.34 10.81 -19.21
C TRP B 464 -16.48 9.62 -18.79
N LYS B 465 -15.57 9.23 -19.67
CA LYS B 465 -14.52 8.28 -19.33
C LYS B 465 -13.17 8.86 -19.77
N LEU B 466 -12.30 9.07 -18.80
CA LEU B 466 -10.96 9.56 -19.07
C LEU B 466 -9.94 8.44 -18.96
N ILE B 467 -9.03 8.35 -19.92
CA ILE B 467 -7.93 7.40 -19.83
C ILE B 467 -6.59 8.12 -19.76
N HIS B 468 -5.86 7.92 -18.67
CA HIS B 468 -4.53 8.51 -18.51
C HIS B 468 -3.41 7.49 -18.72
N PHE B 469 -2.46 7.82 -19.58
CA PHE B 469 -1.27 7.00 -19.80
C PHE B 469 -0.06 7.64 -19.11
N GLU B 470 0.75 6.84 -18.44
CA GLU B 470 2.00 7.39 -17.90
C GLU B 470 3.07 7.52 -18.97
N ALA B 471 2.82 6.94 -20.14
CA ALA B 471 3.79 6.95 -21.23
C ALA B 471 3.45 7.96 -22.33
N ASP B 472 2.43 8.80 -22.10
CA ASP B 472 2.02 9.79 -23.08
C ASP B 472 1.26 10.91 -22.37
N PRO B 473 1.60 12.16 -22.67
CA PRO B 473 0.98 13.31 -21.97
C PRO B 473 -0.46 13.58 -22.41
N ARG B 474 -0.89 13.00 -23.52
CA ARG B 474 -2.25 13.20 -24.01
C ARG B 474 -3.18 12.09 -23.51
N PRO B 475 -4.31 12.46 -22.90
CA PRO B 475 -5.24 11.43 -22.46
C PRO B 475 -6.22 11.04 -23.56
N MET B 476 -7.01 9.99 -23.34
CA MET B 476 -8.18 9.73 -24.17
C MET B 476 -9.40 10.13 -23.38
N LEU B 477 -10.47 10.51 -24.09
CA LEU B 477 -11.72 10.93 -23.47
C LEU B 477 -12.90 10.49 -24.31
N PHE B 478 -13.89 9.87 -23.67
CA PHE B 478 -15.14 9.50 -24.33
C PHE B 478 -16.34 10.17 -23.67
N ASP B 479 -17.22 10.72 -24.51
CA ASP B 479 -18.51 11.26 -24.10
C ASP B 479 -19.51 10.10 -24.00
N LEU B 480 -19.76 9.61 -22.80
CA LEU B 480 -20.53 8.37 -22.65
C LEU B 480 -22.02 8.55 -22.95
N LYS B 481 -22.53 9.77 -22.81
CA LYS B 481 -23.94 10.03 -23.09
C LYS B 481 -24.23 10.05 -24.59
N ASN B 482 -23.40 10.74 -25.36
CA ASN B 482 -23.64 10.91 -26.78
C ASN B 482 -22.85 9.93 -27.67
N ASP B 483 -21.83 9.30 -27.08
CA ASP B 483 -21.01 8.32 -27.79
C ASP B 483 -20.88 7.06 -26.93
N PRO B 484 -22.02 6.41 -26.60
CA PRO B 484 -21.97 5.27 -25.68
C PRO B 484 -21.20 4.06 -26.22
N GLN B 485 -20.98 3.99 -27.53
CA GLN B 485 -20.18 2.93 -28.12
C GLN B 485 -18.68 3.24 -28.00
N GLU B 486 -18.38 4.43 -27.50
CA GLU B 486 -16.98 4.85 -27.27
C GLU B 486 -16.10 4.76 -28.51
N LEU B 487 -16.53 5.41 -29.59
CA LEU B 487 -15.83 5.36 -30.86
C LEU B 487 -15.05 6.64 -31.17
N VAL B 488 -15.38 7.73 -30.50
CA VAL B 488 -14.74 9.02 -30.77
C VAL B 488 -13.91 9.55 -29.60
N ASP B 489 -12.60 9.57 -29.80
CA ASP B 489 -11.67 10.02 -28.77
C ASP B 489 -11.58 11.55 -28.74
N LEU B 490 -12.01 12.16 -27.64
CA LEU B 490 -12.02 13.61 -27.51
C LEU B 490 -10.85 14.12 -26.66
N GLY B 491 -9.84 13.27 -26.44
CA GLY B 491 -8.75 13.60 -25.55
C GLY B 491 -7.87 14.76 -26.00
N GLY B 492 -7.89 15.04 -27.31
CA GLY B 492 -7.11 16.13 -27.85
C GLY B 492 -7.91 17.37 -28.22
N ASP B 493 -9.18 17.39 -27.84
CA ASP B 493 -10.09 18.46 -28.24
C ASP B 493 -10.04 19.63 -27.26
N PRO B 494 -9.60 20.81 -27.75
CA PRO B 494 -9.48 21.96 -26.85
C PRO B 494 -10.81 22.33 -26.21
N ALA B 495 -11.91 22.11 -26.91
CA ALA B 495 -13.24 22.40 -26.40
C ALA B 495 -13.60 21.59 -25.14
N HIS B 496 -12.83 20.55 -24.85
CA HIS B 496 -13.13 19.68 -23.71
C HIS B 496 -12.07 19.76 -22.62
N ALA B 497 -11.20 20.76 -22.69
CA ALA B 497 -10.14 20.93 -21.70
C ALA B 497 -10.68 21.00 -20.27
N ASP B 498 -11.76 21.75 -20.07
CA ASP B 498 -12.35 21.85 -18.74
C ASP B 498 -12.90 20.49 -18.25
N VAL B 499 -13.56 19.75 -19.13
CA VAL B 499 -14.06 18.42 -18.78
C VAL B 499 -12.90 17.48 -18.42
N ILE B 500 -11.84 17.54 -19.20
CA ILE B 500 -10.63 16.75 -18.94
C ILE B 500 -9.99 17.12 -17.60
N ALA B 501 -9.88 18.41 -17.31
CA ALA B 501 -9.37 18.88 -16.03
C ALA B 501 -10.21 18.34 -14.87
N GLY B 502 -11.52 18.34 -15.04
CA GLY B 502 -12.43 17.89 -14.00
C GLY B 502 -12.29 16.41 -13.69
N MET B 503 -12.12 15.60 -14.73
CA MET B 503 -11.95 14.16 -14.54
C MET B 503 -10.59 13.87 -13.90
N TYR B 504 -9.59 14.65 -14.28
CA TYR B 504 -8.27 14.51 -13.66
C TYR B 504 -8.34 14.84 -12.16
N ASP B 505 -9.20 15.78 -11.77
CA ASP B 505 -9.39 16.12 -10.35
CA ASP B 505 -9.34 16.10 -10.35
C ASP B 505 -9.94 14.92 -9.60
N LYS B 506 -10.84 14.18 -10.26
CA LYS B 506 -11.45 13.01 -9.65
C LYS B 506 -10.39 11.94 -9.45
N LEU B 507 -9.54 11.75 -10.45
CA LEU B 507 -8.50 10.73 -10.39
C LEU B 507 -7.52 11.06 -9.27
N PHE B 508 -7.14 12.33 -9.19
CA PHE B 508 -6.24 12.84 -8.13
C PHE B 508 -6.84 12.64 -6.73
N ARG B 509 -8.11 12.97 -6.56
CA ARG B 509 -8.80 12.75 -5.28
C ARG B 509 -8.66 11.28 -4.86
N TRP B 510 -8.86 10.40 -5.82
CA TRP B 510 -8.76 8.96 -5.56
C TRP B 510 -7.34 8.54 -5.17
N THR B 511 -6.33 9.03 -5.89
CA THR B 511 -4.95 8.64 -5.57
C THR B 511 -4.52 9.09 -4.16
N ARG B 512 -5.15 10.13 -3.63
CA ARG B 512 -4.80 10.65 -2.28
C ARG B 512 -5.50 9.91 -1.14
N ARG B 513 -6.34 8.94 -1.45
CA ARG B 513 -7.03 8.17 -0.40
C ARG B 513 -6.00 7.51 0.52
N GLN B 514 -6.35 7.29 1.78
CA GLN B 514 -5.39 6.70 2.73
C GLN B 514 -5.60 5.19 2.88
N SER B 515 -5.39 4.47 1.78
CA SER B 515 -5.77 3.06 1.68
C SER B 515 -4.84 2.11 2.46
N GLN B 516 -3.69 2.60 2.92
CA GLN B 516 -2.76 1.71 3.60
C GLN B 516 -2.85 1.81 5.12
N ARG B 517 -3.66 2.74 5.61
CA ARG B 517 -3.86 2.89 7.06
C ARG B 517 -4.90 1.87 7.51
N THR B 518 -4.49 0.62 7.63
CA THR B 518 -5.44 -0.48 7.83
C THR B 518 -5.39 -1.02 9.25
N THR B 519 -4.50 -0.47 10.06
CA THR B 519 -4.26 -1.07 11.35
C THR B 519 -5.06 -0.37 12.48
N ARG B 520 -5.73 0.72 12.13
CA ARG B 520 -6.63 1.38 13.07
C ARG B 520 -7.91 1.76 12.36
N SER B 521 -9.05 1.48 12.99
CA SER B 521 -10.35 1.85 12.42
C SER B 521 -10.64 3.33 12.67
N GLU B 522 -11.63 3.88 11.97
CA GLU B 522 -11.98 5.29 12.14
C GLU B 522 -12.36 5.58 13.59
N GLU B 523 -13.08 4.65 14.21
CA GLU B 523 -13.47 4.81 15.60
C GLU B 523 -12.29 4.83 16.55
N GLN B 524 -11.32 3.96 16.30
CA GLN B 524 -10.11 3.91 17.12
C GLN B 524 -9.27 5.16 16.95
N LEU B 525 -9.20 5.69 15.73
CA LEU B 525 -8.49 6.94 15.47
C LEU B 525 -9.10 8.10 16.27
N ILE B 526 -10.43 8.22 16.20
CA ILE B 526 -11.14 9.27 16.93
C ILE B 526 -10.89 9.13 18.43
N ALA B 527 -10.92 7.90 18.94
CA ALA B 527 -10.72 7.70 20.38
C ALA B 527 -9.31 8.10 20.86
N MET B 528 -8.32 7.96 19.97
N MET B 528 -8.33 7.96 19.97
CA MET B 528 -6.94 8.30 20.31
CA MET B 528 -6.94 8.32 20.29
C MET B 528 -6.72 9.80 20.55
C MET B 528 -6.75 9.80 20.58
N ARG B 529 -7.66 10.61 20.07
CA ARG B 529 -7.51 12.06 20.10
C ARG B 529 -7.43 12.65 21.50
N THR B 530 -8.01 11.95 22.47
CA THR B 530 -8.07 12.48 23.84
C THR B 530 -7.35 11.62 24.88
N LYS B 531 -6.63 10.59 24.44
CA LYS B 531 -6.05 9.63 25.37
C LYS B 531 -4.80 10.11 26.12
N SER B 532 -3.87 10.74 25.42
CA SER B 532 -2.55 10.98 25.99
C SER B 532 -2.52 12.02 27.11
N ARG B 533 -3.46 12.95 27.11
CA ARG B 533 -3.44 14.05 28.07
C ARG B 533 -3.68 13.59 29.51
N LYS B 534 -4.29 12.43 29.68
CA LYS B 534 -4.49 11.83 31.00
C LYS B 534 -3.43 10.77 31.32
N ARG B 535 -2.46 10.60 30.43
CA ARG B 535 -1.40 9.63 30.68
C ARG B 535 -0.02 10.30 30.84
N GLY B 536 -0.04 11.57 31.24
CA GLY B 536 1.16 12.25 31.68
C GLY B 536 1.88 13.06 30.62
N ILE B 537 1.37 13.07 29.39
CA ILE B 537 1.98 13.92 28.38
C ILE B 537 1.59 15.37 28.63
N VAL B 538 2.57 16.17 29.03
CA VAL B 538 2.33 17.55 29.38
C VAL B 538 3.15 18.44 28.45
N LEU B 539 2.45 19.22 27.63
CA LEU B 539 3.10 20.05 26.62
C LEU B 539 2.72 21.52 26.74
N GLY B 540 3.72 22.40 26.63
CA GLY B 540 3.48 23.83 26.66
C GLY B 540 2.94 24.35 27.99
N ILE B 541 3.25 23.67 29.08
CA ILE B 541 2.79 24.09 30.40
C ILE B 541 3.95 24.70 31.21
N TYR B 542 3.92 26.01 31.41
CA TYR B 542 5.01 26.73 32.08
C TYR B 542 5.10 26.43 33.58
N ASP B 543 3.96 26.49 34.28
CA ASP B 543 3.94 26.10 35.68
C ASP B 543 2.63 25.39 36.01
N GLU B 544 2.48 24.95 37.26
CA GLU B 544 1.37 24.08 37.65
C GLU B 544 -0.02 24.71 37.48
N ASN B 545 -0.06 26.03 37.30
CA ASN B 545 -1.33 26.74 37.16
C ASN B 545 -1.87 26.81 35.74
N GLU B 546 -1.13 26.26 34.79
CA GLU B 546 -1.47 26.46 33.38
C GLU B 546 -2.13 25.22 32.78
N THR B 547 -2.38 24.22 33.62
CA THR B 547 -3.12 23.03 33.21
C THR B 547 -3.81 22.45 34.46
N PRO B 548 -4.96 21.78 34.27
CA PRO B 548 -5.67 21.16 35.40
C PRO B 548 -4.76 20.33 36.30
N LEU B 549 -4.83 20.56 37.61
CA LEU B 549 -3.97 19.88 38.57
C LEU B 549 -4.15 18.35 38.51
N GLU B 550 -5.30 17.88 38.05
CA GLU B 550 -5.57 16.45 37.97
C GLU B 550 -4.60 15.75 37.01
N LEU B 551 -4.18 16.49 35.98
CA LEU B 551 -3.32 15.94 34.93
C LEU B 551 -1.88 15.76 35.39
N THR B 552 -1.47 16.53 36.39
CA THR B 552 -0.08 16.52 36.82
C THR B 552 0.12 16.00 38.24
N VAL B 553 -0.82 15.16 38.71
CA VAL B 553 -0.73 14.58 40.05
C VAL B 553 0.54 13.75 40.27
N LYS B 554 1.06 13.14 39.21
CA LYS B 554 2.27 12.33 39.32
C LYS B 554 3.54 13.17 39.34
N TYR B 555 3.39 14.48 39.16
CA TYR B 555 4.55 15.36 38.99
C TYR B 555 4.75 16.34 40.15
N ARG B 556 3.69 16.57 40.91
CA ARG B 556 3.71 17.58 41.96
C ARG B 556 3.82 17.01 43.37
N ASP B 557 4.27 17.86 44.29
CA ASP B 557 4.39 17.54 45.73
C ASP B 557 5.35 16.40 46.00
N ARG B 558 6.40 16.26 45.19
CA ARG B 558 7.32 15.15 45.36
C ARG B 558 8.56 15.60 46.11
N LYS B 559 9.17 14.64 46.81
CA LYS B 559 10.31 14.91 47.67
C LYS B 559 11.47 14.03 47.24
N ALA B 560 12.69 14.55 47.34
CA ALA B 560 13.90 13.79 47.05
C ALA B 560 15.08 14.44 47.75
N ARG B 561 16.23 13.76 47.73
CA ARG B 561 17.46 14.30 48.29
C ARG B 561 18.38 14.74 47.16
N PRO B 562 19.40 15.58 47.48
CA PRO B 562 20.45 15.88 46.49
C PRO B 562 21.06 14.58 45.96
N TYR B 563 21.38 14.50 44.67
CA TYR B 563 21.76 13.22 44.08
C TYR B 563 23.00 12.63 44.75
N LYS B 564 23.90 13.49 45.23
CA LYS B 564 25.14 13.02 45.84
C LYS B 564 24.86 12.13 47.05
N ASP B 565 23.74 12.36 47.73
CA ASP B 565 23.37 11.56 48.91
C ASP B 565 23.03 10.10 48.61
N TYR B 566 22.65 9.79 47.37
CA TYR B 566 22.34 8.40 47.03
C TYR B 566 23.57 7.62 46.61
N LEU B 567 24.67 8.34 46.39
CA LEU B 567 25.86 7.77 45.75
C LEU B 567 27.03 7.53 46.71
N LYS B 568 26.94 8.03 47.93
CA LYS B 568 28.09 7.97 48.84
C LYS B 568 28.21 6.64 49.58
N GLY B 569 27.58 5.61 49.03
CA GLY B 569 27.74 4.26 49.53
C GLY B 569 28.98 3.62 48.94
#